data_3SLA
#
_entry.id   3SLA
#
_cell.length_a   90.790
_cell.length_b   90.790
_cell.length_c   364.340
_cell.angle_alpha   90.00
_cell.angle_beta   90.00
_cell.angle_gamma   90.00
#
_symmetry.space_group_name_H-M   'P 41 21 2'
#
loop_
_entity.id
_entity.type
_entity.pdbx_description
1 polymer 'Catenin beta-1'
2 non-polymer GLYCEROL
3 non-polymer 'SODIUM ION'
4 water water
#
_entity_poly.entity_id   1
_entity_poly.type   'polypeptide(L)'
_entity_poly.pdbx_seq_one_letter_code
;GSNYQDDAELATRAIPELTKLLNDEDQVVVNKAAVMVHQLSKKEASRHAIMRSPQMVSAIVRTMQNTNDVETARCTAGTL
HNLSHHREGLLAIFKSGGIPALVKMLGSPVDSVLFYAITTLHNLLLHQEGAKMAVRLAGGLQKMVALLNKTNVKFLAITT
DCLQILAY
;
_entity_poly.pdbx_strand_id   A,B,C,D,E
#
loop_
_chem_comp.id
_chem_comp.type
_chem_comp.name
_chem_comp.formula
GOL non-polymer GLYCEROL 'C3 H8 O3'
NA non-polymer 'SODIUM ION' 'Na 1'
#
# COMPACT_ATOMS: atom_id res chain seq x y z
N ASN A 3 -17.47 -26.18 -23.37
CA ASN A 3 -18.81 -26.86 -23.29
C ASN A 3 -18.83 -28.27 -23.91
N TYR A 4 -17.77 -29.07 -23.60
CA TYR A 4 -17.65 -30.47 -24.09
C TYR A 4 -17.36 -31.57 -23.08
N GLN A 5 -16.75 -31.23 -21.93
CA GLN A 5 -16.70 -32.13 -20.75
C GLN A 5 -17.95 -31.90 -19.84
N ASP A 6 -18.04 -30.65 -19.32
CA ASP A 6 -19.12 -30.19 -18.40
C ASP A 6 -19.77 -28.89 -18.94
N ASP A 7 -20.96 -29.00 -19.57
CA ASP A 7 -21.37 -28.06 -20.63
C ASP A 7 -22.64 -27.17 -20.52
N ALA A 8 -22.57 -26.06 -21.27
CA ALA A 8 -23.63 -25.08 -21.41
C ALA A 8 -24.98 -25.68 -21.72
N GLU A 9 -25.00 -26.62 -22.66
CA GLU A 9 -26.23 -27.28 -23.12
C GLU A 9 -27.03 -27.77 -21.89
N LEU A 10 -26.33 -28.44 -20.97
CA LEU A 10 -26.92 -29.01 -19.78
C LEU A 10 -27.39 -27.94 -18.86
N ALA A 11 -26.48 -27.11 -18.41
CA ALA A 11 -26.89 -25.99 -17.58
C ALA A 11 -28.13 -25.30 -18.19
N THR A 12 -28.06 -24.95 -19.46
CA THR A 12 -29.20 -24.28 -20.07
C THR A 12 -30.49 -25.07 -19.89
N ARG A 13 -30.38 -26.40 -19.89
CA ARG A 13 -31.57 -27.24 -19.80
C ARG A 13 -32.06 -27.23 -18.36
N ALA A 14 -31.12 -27.21 -17.41
CA ALA A 14 -31.45 -27.22 -15.96
C ALA A 14 -32.00 -25.90 -15.34
N ILE A 15 -31.56 -24.76 -15.87
CA ILE A 15 -31.91 -23.41 -15.36
C ILE A 15 -33.40 -23.14 -15.02
N PRO A 16 -34.33 -23.53 -15.89
CA PRO A 16 -35.77 -23.35 -15.55
C PRO A 16 -36.26 -24.09 -14.33
N GLU A 17 -36.00 -25.39 -14.34
CA GLU A 17 -36.19 -26.27 -13.19
C GLU A 17 -35.53 -25.67 -11.94
N LEU A 18 -34.29 -25.18 -12.06
CA LEU A 18 -33.62 -24.57 -10.90
C LEU A 18 -34.17 -23.22 -10.45
N THR A 19 -34.67 -22.43 -11.38
CA THR A 19 -35.22 -21.12 -11.06
C THR A 19 -36.47 -21.35 -10.23
N LYS A 20 -37.29 -22.27 -10.72
CA LYS A 20 -38.50 -22.64 -10.05
C LYS A 20 -38.21 -23.12 -8.63
N LEU A 21 -37.15 -23.91 -8.46
CA LEU A 21 -36.74 -24.32 -7.12
C LEU A 21 -36.33 -23.12 -6.30
N LEU A 22 -35.50 -22.23 -6.85
CA LEU A 22 -35.14 -21.01 -6.06
C LEU A 22 -36.37 -20.19 -5.67
N ASN A 23 -37.39 -20.14 -6.51
CA ASN A 23 -38.60 -19.39 -6.19
C ASN A 23 -39.59 -20.07 -5.21
N ASP A 24 -39.39 -21.34 -4.93
CA ASP A 24 -40.24 -22.11 -4.04
C ASP A 24 -40.51 -21.43 -2.69
N GLU A 25 -41.69 -21.73 -2.13
CA GLU A 25 -42.04 -21.30 -0.78
C GLU A 25 -41.15 -22.01 0.22
N ASP A 26 -40.80 -23.26 -0.09
CA ASP A 26 -40.10 -24.05 0.90
C ASP A 26 -38.63 -23.67 0.93
N GLN A 27 -38.21 -23.07 2.02
CA GLN A 27 -36.91 -22.43 2.09
C GLN A 27 -35.78 -23.45 2.13
N VAL A 28 -36.15 -24.69 2.48
CA VAL A 28 -35.20 -25.81 2.49
C VAL A 28 -34.83 -26.22 1.06
N VAL A 29 -35.85 -26.30 0.22
CA VAL A 29 -35.71 -26.54 -1.19
C VAL A 29 -34.94 -25.37 -1.81
N VAL A 30 -35.24 -24.17 -1.33
CA VAL A 30 -34.58 -22.99 -1.86
C VAL A 30 -33.08 -23.14 -1.60
N ASN A 31 -32.73 -23.68 -0.45
CA ASN A 31 -31.31 -23.80 -0.05
C ASN A 31 -30.58 -24.80 -0.94
N LYS A 32 -31.28 -25.88 -1.28
CA LYS A 32 -30.70 -26.90 -2.08
C LYS A 32 -30.40 -26.33 -3.44
N ALA A 33 -31.33 -25.53 -3.93
CA ALA A 33 -31.16 -25.04 -5.26
C ALA A 33 -30.14 -23.91 -5.24
N ALA A 34 -30.08 -23.15 -4.16
CA ALA A 34 -29.02 -22.13 -4.11
C ALA A 34 -27.62 -22.77 -4.10
N VAL A 35 -27.52 -23.93 -3.46
CA VAL A 35 -26.21 -24.58 -3.39
C VAL A 35 -25.81 -25.02 -4.75
N MET A 36 -26.74 -25.69 -5.46
CA MET A 36 -26.49 -26.06 -6.83
C MET A 36 -26.15 -24.88 -7.73
N VAL A 37 -26.91 -23.77 -7.67
CA VAL A 37 -26.67 -22.65 -8.60
C VAL A 37 -25.29 -22.10 -8.28
N HIS A 38 -24.95 -22.05 -6.99
CA HIS A 38 -23.59 -21.70 -6.64
C HIS A 38 -22.60 -22.66 -7.32
N GLN A 39 -22.89 -23.95 -7.32
CA GLN A 39 -21.83 -24.86 -7.78
C GLN A 39 -21.69 -24.73 -9.26
N LEU A 40 -22.80 -24.68 -9.96
CA LEU A 40 -22.74 -24.40 -11.40
C LEU A 40 -22.02 -23.07 -11.66
N SER A 41 -22.25 -22.06 -10.83
CA SER A 41 -21.69 -20.76 -11.20
C SER A 41 -20.15 -20.86 -11.25
N LYS A 42 -19.60 -21.94 -10.73
CA LYS A 42 -18.17 -22.05 -10.62
C LYS A 42 -17.47 -22.46 -11.91
N LYS A 43 -18.23 -22.95 -12.88
CA LYS A 43 -17.68 -23.48 -14.12
C LYS A 43 -17.99 -22.50 -15.21
N GLU A 44 -16.97 -22.20 -16.01
CA GLU A 44 -17.09 -21.18 -17.07
C GLU A 44 -18.31 -21.42 -17.96
N ALA A 45 -18.46 -22.62 -18.47
CA ALA A 45 -19.58 -22.84 -19.40
C ALA A 45 -20.92 -22.58 -18.76
N SER A 46 -21.20 -23.21 -17.63
CA SER A 46 -22.52 -23.14 -17.05
C SER A 46 -22.77 -21.73 -16.45
N ARG A 47 -21.71 -21.08 -16.01
CA ARG A 47 -21.80 -19.70 -15.56
C ARG A 47 -22.51 -18.83 -16.57
N HIS A 48 -22.15 -18.98 -17.85
CA HIS A 48 -22.71 -18.18 -18.94
C HIS A 48 -24.15 -18.52 -19.16
N ALA A 49 -24.55 -19.76 -18.88
CA ALA A 49 -25.93 -20.08 -19.06
C ALA A 49 -26.69 -19.40 -17.95
N ILE A 50 -26.06 -19.26 -16.78
CA ILE A 50 -26.77 -18.60 -15.71
C ILE A 50 -26.92 -17.15 -16.06
N MET A 51 -25.87 -16.55 -16.60
CA MET A 51 -25.98 -15.13 -16.83
C MET A 51 -26.96 -14.78 -17.94
N ARG A 52 -27.14 -15.65 -18.92
CA ARG A 52 -28.14 -15.36 -19.98
C ARG A 52 -29.55 -15.66 -19.50
N SER A 53 -29.73 -15.95 -18.22
CA SER A 53 -31.10 -16.14 -17.77
C SER A 53 -31.58 -15.04 -16.85
N PRO A 54 -32.40 -14.13 -17.40
CA PRO A 54 -32.94 -13.05 -16.58
C PRO A 54 -33.66 -13.57 -15.36
N GLN A 55 -34.47 -14.63 -15.52
CA GLN A 55 -35.33 -15.04 -14.37
C GLN A 55 -34.48 -15.64 -13.27
N MET A 56 -33.45 -16.35 -13.68
CA MET A 56 -32.51 -16.98 -12.77
C MET A 56 -31.79 -15.93 -11.95
N VAL A 57 -31.22 -14.97 -12.65
CA VAL A 57 -30.53 -13.91 -11.94
C VAL A 57 -31.43 -13.17 -10.94
N SER A 58 -32.71 -13.02 -11.25
CA SER A 58 -33.60 -12.22 -10.35
C SER A 58 -33.92 -13.09 -9.18
N ALA A 59 -34.08 -14.40 -9.44
CA ALA A 59 -34.36 -15.34 -8.37
C ALA A 59 -33.18 -15.38 -7.39
N ILE A 60 -31.98 -15.26 -7.92
CA ILE A 60 -30.80 -15.26 -7.06
C ILE A 60 -30.78 -13.98 -6.29
N VAL A 61 -31.18 -12.88 -6.91
CA VAL A 61 -31.16 -11.59 -6.20
C VAL A 61 -32.24 -11.48 -5.13
N ARG A 62 -33.47 -11.83 -5.47
CA ARG A 62 -34.51 -11.89 -4.46
C ARG A 62 -34.05 -12.77 -3.30
N THR A 63 -33.66 -14.00 -3.62
CA THR A 63 -33.34 -14.96 -2.57
C THR A 63 -32.25 -14.44 -1.62
N MET A 64 -31.22 -13.81 -2.16
CA MET A 64 -30.17 -13.28 -1.34
C MET A 64 -30.67 -12.26 -0.33
N GLN A 65 -31.56 -11.39 -0.77
CA GLN A 65 -32.16 -10.36 0.05
C GLN A 65 -33.10 -10.89 1.13
N ASN A 66 -33.93 -11.84 0.75
CA ASN A 66 -34.98 -12.35 1.62
C ASN A 66 -34.51 -13.39 2.64
N THR A 67 -33.77 -14.39 2.20
CA THR A 67 -33.45 -15.54 3.07
C THR A 67 -32.84 -15.21 4.43
N ASN A 68 -33.15 -16.08 5.40
CA ASN A 68 -32.50 -16.01 6.71
C ASN A 68 -31.39 -17.01 6.92
N ASP A 69 -31.22 -17.89 5.95
CA ASP A 69 -30.23 -18.94 6.07
C ASP A 69 -28.88 -18.46 5.57
N VAL A 70 -27.90 -18.42 6.46
CA VAL A 70 -26.53 -18.13 6.10
C VAL A 70 -26.05 -18.88 4.85
N GLU A 71 -26.22 -20.20 4.79
CA GLU A 71 -25.79 -20.94 3.61
C GLU A 71 -26.36 -20.41 2.28
N THR A 72 -27.68 -20.23 2.24
CA THR A 72 -28.33 -19.65 1.10
C THR A 72 -27.74 -18.24 0.80
N ALA A 73 -27.57 -17.40 1.82
CA ALA A 73 -26.93 -16.14 1.61
C ALA A 73 -25.50 -16.28 1.06
N ARG A 74 -24.75 -17.25 1.57
CA ARG A 74 -23.38 -17.35 1.12
C ARG A 74 -23.37 -17.84 -0.32
N CYS A 75 -24.26 -18.77 -0.68
CA CYS A 75 -24.17 -19.37 -2.00
C CYS A 75 -24.67 -18.40 -3.04
N THR A 76 -25.69 -17.70 -2.65
CA THR A 76 -26.38 -16.79 -3.52
C THR A 76 -25.48 -15.55 -3.85
N ALA A 77 -24.93 -14.92 -2.82
CA ALA A 77 -23.91 -13.96 -3.06
C ALA A 77 -22.69 -14.52 -3.78
N GLY A 78 -22.34 -15.79 -3.57
CA GLY A 78 -21.16 -16.33 -4.29
C GLY A 78 -21.47 -16.49 -5.79
N THR A 79 -22.70 -16.91 -6.10
CA THR A 79 -23.12 -17.01 -7.46
C THR A 79 -22.94 -15.65 -8.13
N LEU A 80 -23.49 -14.59 -7.52
CA LEU A 80 -23.35 -13.24 -8.07
C LEU A 80 -21.88 -12.83 -8.18
N HIS A 81 -21.11 -13.05 -7.14
CA HIS A 81 -19.67 -12.81 -7.24
C HIS A 81 -19.10 -13.44 -8.49
N ASN A 82 -19.50 -14.67 -8.80
CA ASN A 82 -18.96 -15.31 -9.99
C ASN A 82 -19.45 -14.73 -11.32
N LEU A 83 -20.70 -14.29 -11.37
CA LEU A 83 -21.22 -13.72 -12.59
C LEU A 83 -20.45 -12.41 -12.86
N SER A 84 -19.92 -11.80 -11.81
CA SER A 84 -19.43 -10.47 -11.88
C SER A 84 -18.03 -10.41 -12.49
N HIS A 85 -17.59 -11.53 -13.04
CA HIS A 85 -16.24 -11.55 -13.64
C HIS A 85 -16.31 -11.29 -15.12
N HIS A 86 -17.53 -11.22 -15.62
CA HIS A 86 -17.84 -11.07 -17.02
C HIS A 86 -18.77 -9.86 -17.24
N ARG A 87 -18.47 -9.11 -18.30
CA ARG A 87 -19.26 -7.99 -18.72
C ARG A 87 -20.73 -8.39 -18.71
N GLU A 88 -21.03 -9.57 -19.20
CA GLU A 88 -22.41 -9.97 -19.29
C GLU A 88 -23.03 -10.20 -17.92
N GLY A 89 -22.23 -10.68 -16.99
CA GLY A 89 -22.73 -10.93 -15.64
C GLY A 89 -22.94 -9.63 -14.87
N LEU A 90 -21.97 -8.70 -15.01
CA LEU A 90 -22.11 -7.39 -14.42
C LEU A 90 -23.48 -6.81 -14.81
N LEU A 91 -23.80 -7.00 -16.08
CA LEU A 91 -24.88 -6.30 -16.63
C LEU A 91 -26.12 -6.95 -16.09
N ALA A 92 -26.08 -8.28 -16.02
CA ALA A 92 -27.21 -9.03 -15.51
C ALA A 92 -27.50 -8.70 -14.05
N ILE A 93 -26.44 -8.48 -13.25
CA ILE A 93 -26.66 -8.11 -11.87
C ILE A 93 -27.34 -6.76 -11.77
N PHE A 94 -26.85 -5.83 -12.56
CA PHE A 94 -27.46 -4.52 -12.73
C PHE A 94 -28.95 -4.56 -13.09
N LYS A 95 -29.30 -5.35 -14.10
CA LYS A 95 -30.69 -5.44 -14.53
C LYS A 95 -31.64 -6.06 -13.52
N SER A 96 -31.09 -6.83 -12.58
CA SER A 96 -31.90 -7.61 -11.65
C SER A 96 -32.14 -6.92 -10.35
N GLY A 97 -31.53 -5.77 -10.16
CA GLY A 97 -31.76 -5.04 -8.92
C GLY A 97 -30.82 -5.48 -7.85
N GLY A 98 -29.68 -6.02 -8.29
CA GLY A 98 -28.71 -6.54 -7.38
C GLY A 98 -27.90 -5.52 -6.66
N ILE A 99 -27.76 -4.30 -7.19
CA ILE A 99 -26.91 -3.34 -6.50
C ILE A 99 -27.49 -3.04 -5.11
N PRO A 100 -28.76 -2.67 -5.00
CA PRO A 100 -29.30 -2.46 -3.63
C PRO A 100 -29.25 -3.75 -2.82
N ALA A 101 -29.54 -4.88 -3.47
CA ALA A 101 -29.54 -6.16 -2.76
C ALA A 101 -28.16 -6.40 -2.13
N LEU A 102 -27.12 -6.29 -2.95
CA LEU A 102 -25.79 -6.35 -2.47
C LEU A 102 -25.53 -5.31 -1.44
N VAL A 103 -26.17 -4.15 -1.51
CA VAL A 103 -25.78 -3.12 -0.53
C VAL A 103 -26.31 -3.53 0.86
N LYS A 104 -27.55 -4.04 0.91
CA LYS A 104 -28.06 -4.65 2.15
C LYS A 104 -27.08 -5.73 2.69
N MET A 105 -26.60 -6.64 1.87
CA MET A 105 -25.71 -7.67 2.40
C MET A 105 -24.47 -7.17 3.07
N LEU A 106 -24.13 -5.90 2.88
CA LEU A 106 -22.90 -5.40 3.51
C LEU A 106 -23.14 -5.36 5.03
N GLY A 107 -24.43 -5.50 5.41
CA GLY A 107 -24.85 -5.73 6.79
C GLY A 107 -24.28 -7.01 7.41
N SER A 108 -24.36 -8.11 6.68
CA SER A 108 -24.03 -9.42 7.23
C SER A 108 -22.77 -9.51 8.13
N PRO A 109 -22.91 -10.28 9.23
CA PRO A 109 -21.81 -10.73 10.11
C PRO A 109 -20.91 -11.74 9.43
N VAL A 110 -21.48 -12.58 8.55
CA VAL A 110 -20.67 -13.62 7.98
C VAL A 110 -19.58 -13.11 7.03
N ASP A 111 -18.36 -13.43 7.36
CA ASP A 111 -17.24 -12.99 6.60
C ASP A 111 -17.17 -13.40 5.13
N SER A 112 -17.95 -14.37 4.70
CA SER A 112 -17.74 -14.85 3.35
C SER A 112 -18.84 -14.22 2.51
N VAL A 113 -20.02 -14.13 3.11
CA VAL A 113 -21.08 -13.38 2.51
C VAL A 113 -20.55 -12.01 2.19
N LEU A 114 -19.97 -11.29 3.16
CA LEU A 114 -19.55 -9.91 2.85
C LEU A 114 -18.34 -9.86 1.90
N PHE A 115 -17.46 -10.86 1.94
CA PHE A 115 -16.46 -10.99 0.87
C PHE A 115 -17.15 -10.92 -0.53
N TYR A 116 -18.28 -11.58 -0.66
CA TYR A 116 -18.89 -11.74 -1.96
C TYR A 116 -19.57 -10.41 -2.32
N ALA A 117 -20.32 -9.86 -1.38
CA ALA A 117 -20.97 -8.59 -1.60
C ALA A 117 -19.97 -7.45 -1.88
N ILE A 118 -18.88 -7.39 -1.13
CA ILE A 118 -18.01 -6.29 -1.37
C ILE A 118 -17.27 -6.41 -2.70
N THR A 119 -16.82 -7.60 -3.07
CA THR A 119 -16.05 -7.72 -4.30
C THR A 119 -16.97 -7.62 -5.52
N THR A 120 -18.17 -8.12 -5.41
CA THR A 120 -19.12 -7.93 -6.48
C THR A 120 -19.44 -6.44 -6.70
N LEU A 121 -19.76 -5.71 -5.62
CA LEU A 121 -19.99 -4.29 -5.73
C LEU A 121 -18.77 -3.62 -6.34
N HIS A 122 -17.59 -4.09 -5.98
CA HIS A 122 -16.39 -3.43 -6.38
C HIS A 122 -16.22 -3.62 -7.86
N ASN A 123 -16.57 -4.83 -8.32
CA ASN A 123 -16.44 -5.15 -9.72
C ASN A 123 -17.42 -4.33 -10.49
N LEU A 124 -18.60 -4.11 -9.91
CA LEU A 124 -19.61 -3.28 -10.50
C LEU A 124 -19.15 -1.80 -10.61
N LEU A 125 -18.61 -1.27 -9.52
CA LEU A 125 -18.12 0.09 -9.50
C LEU A 125 -17.03 0.29 -10.55
N LEU A 126 -16.17 -0.71 -10.70
CA LEU A 126 -15.08 -0.62 -11.64
C LEU A 126 -15.55 -0.70 -13.06
N HIS A 127 -16.54 -1.51 -13.35
CA HIS A 127 -16.77 -1.87 -14.74
C HIS A 127 -18.14 -1.68 -15.25
N GLN A 128 -19.13 -1.41 -14.42
CA GLN A 128 -20.48 -1.41 -14.96
C GLN A 128 -21.02 0.00 -15.06
N GLU A 129 -21.58 0.37 -16.21
CA GLU A 129 -22.08 1.73 -16.34
C GLU A 129 -23.34 1.92 -15.53
N GLY A 130 -23.40 2.97 -14.72
CA GLY A 130 -24.55 3.21 -13.84
C GLY A 130 -24.37 2.78 -12.39
N ALA A 131 -23.25 2.11 -12.10
CA ALA A 131 -23.14 1.44 -10.84
C ALA A 131 -22.85 2.45 -9.77
N LYS A 132 -21.87 3.33 -9.95
CA LYS A 132 -21.61 4.37 -8.93
C LYS A 132 -22.86 5.08 -8.43
N MET A 133 -23.72 5.50 -9.37
CA MET A 133 -24.95 6.20 -9.01
C MET A 133 -25.91 5.26 -8.39
N ALA A 134 -26.00 4.04 -8.92
CA ALA A 134 -26.89 3.03 -8.32
C ALA A 134 -26.51 2.81 -6.85
N VAL A 135 -25.22 2.74 -6.58
CA VAL A 135 -24.75 2.36 -5.24
C VAL A 135 -24.98 3.53 -4.34
N ARG A 136 -24.57 4.73 -4.77
CA ARG A 136 -24.88 5.95 -4.02
C ARG A 136 -26.38 6.00 -3.74
N LEU A 137 -27.22 5.68 -4.73
CA LEU A 137 -28.66 5.85 -4.46
C LEU A 137 -29.18 4.82 -3.49
N ALA A 138 -28.51 3.67 -3.39
CA ALA A 138 -28.92 2.68 -2.40
C ALA A 138 -28.41 2.90 -0.98
N GLY A 139 -27.59 3.93 -0.77
CA GLY A 139 -27.08 4.21 0.57
C GLY A 139 -25.66 3.68 0.68
N GLY A 140 -25.10 3.31 -0.45
CA GLY A 140 -23.83 2.61 -0.45
C GLY A 140 -22.73 3.27 0.31
N LEU A 141 -22.65 4.60 0.28
CA LEU A 141 -21.51 5.23 0.90
C LEU A 141 -21.58 5.01 2.44
N GLN A 142 -22.76 5.19 3.03
CA GLN A 142 -22.90 5.02 4.48
C GLN A 142 -22.59 3.58 4.87
N LYS A 143 -23.18 2.63 4.15
CA LYS A 143 -22.89 1.23 4.41
C LYS A 143 -21.42 0.88 4.37
N MET A 144 -20.67 1.46 3.45
CA MET A 144 -19.29 1.14 3.31
C MET A 144 -18.40 1.80 4.35
N VAL A 145 -18.75 3.02 4.75
CA VAL A 145 -18.13 3.63 5.88
C VAL A 145 -18.44 2.77 7.11
N ALA A 146 -19.69 2.34 7.32
CA ALA A 146 -19.95 1.46 8.50
C ALA A 146 -19.01 0.26 8.43
N LEU A 147 -19.01 -0.45 7.28
CA LEU A 147 -18.19 -1.63 7.04
C LEU A 147 -16.76 -1.38 7.44
N LEU A 148 -16.22 -0.38 6.78
CA LEU A 148 -14.84 -0.08 6.96
C LEU A 148 -14.52 0.05 8.43
N ASN A 149 -15.43 0.63 9.16
CA ASN A 149 -15.18 0.89 10.55
C ASN A 149 -15.36 -0.33 11.44
N LYS A 150 -16.05 -1.36 10.97
CA LYS A 150 -16.24 -2.53 11.77
C LYS A 150 -15.54 -3.84 11.26
N THR A 151 -15.05 -3.95 10.03
CA THR A 151 -14.62 -5.29 9.59
C THR A 151 -13.16 -5.52 9.82
N ASN A 152 -12.77 -6.76 9.56
CA ASN A 152 -11.44 -7.24 9.73
C ASN A 152 -10.57 -6.90 8.48
N VAL A 153 -9.29 -7.29 8.51
CA VAL A 153 -8.27 -6.74 7.60
C VAL A 153 -8.44 -7.20 6.16
N LYS A 154 -9.16 -8.28 5.95
CA LYS A 154 -9.35 -8.78 4.61
C LYS A 154 -10.12 -7.82 3.78
N PHE A 155 -10.91 -6.95 4.39
CA PHE A 155 -11.75 -6.08 3.61
C PHE A 155 -11.39 -4.63 3.62
N LEU A 156 -10.36 -4.22 4.39
CA LEU A 156 -10.09 -2.78 4.48
C LEU A 156 -9.77 -2.25 3.14
N ALA A 157 -8.92 -2.94 2.38
CA ALA A 157 -8.43 -2.36 1.12
C ALA A 157 -9.54 -2.21 0.08
N ILE A 158 -10.28 -3.29 -0.15
CA ILE A 158 -11.26 -3.26 -1.16
C ILE A 158 -12.34 -2.26 -0.73
N THR A 159 -12.59 -2.17 0.57
CA THR A 159 -13.66 -1.29 0.98
C THR A 159 -13.22 0.11 0.74
N THR A 160 -11.93 0.41 1.04
CA THR A 160 -11.48 1.75 0.89
C THR A 160 -11.38 2.09 -0.58
N ASP A 161 -11.07 1.13 -1.44
CA ASP A 161 -11.11 1.38 -2.89
C ASP A 161 -12.52 1.74 -3.41
N CYS A 162 -13.54 1.05 -2.93
CA CYS A 162 -14.91 1.40 -3.23
C CYS A 162 -15.28 2.81 -2.81
N LEU A 163 -14.91 3.24 -1.59
CA LEU A 163 -15.24 4.62 -1.19
C LEU A 163 -14.55 5.59 -2.11
N GLN A 164 -13.32 5.31 -2.50
CA GLN A 164 -12.59 6.23 -3.30
C GLN A 164 -13.17 6.31 -4.70
N ILE A 165 -13.90 5.29 -5.11
CA ILE A 165 -14.46 5.30 -6.43
C ILE A 165 -15.75 6.11 -6.35
N LEU A 166 -16.43 6.06 -5.20
CA LEU A 166 -17.75 6.59 -5.05
C LEU A 166 -17.72 8.08 -4.80
N ALA A 167 -16.52 8.59 -4.60
CA ALA A 167 -16.31 10.00 -4.42
C ALA A 167 -15.20 10.57 -5.37
N TYR A 168 -14.71 9.74 -6.32
CA TYR A 168 -13.75 10.14 -7.41
C TYR A 168 -13.04 8.94 -8.11
N THR B 12 -13.47 3.70 54.89
CA THR B 12 -13.12 2.65 55.88
C THR B 12 -12.18 1.65 55.19
N ARG B 13 -11.71 0.59 55.87
CA ARG B 13 -10.88 -0.41 55.18
C ARG B 13 -11.69 -1.49 54.44
N ALA B 14 -11.83 -1.24 53.14
CA ALA B 14 -12.86 -1.77 52.27
C ALA B 14 -12.20 -2.63 51.20
N ILE B 15 -10.96 -2.26 50.89
CA ILE B 15 -10.21 -3.09 49.99
C ILE B 15 -10.20 -4.55 50.42
N PRO B 16 -9.81 -4.85 51.70
CA PRO B 16 -9.73 -6.26 52.10
C PRO B 16 -11.08 -6.91 52.10
N GLU B 17 -12.11 -6.11 52.34
CA GLU B 17 -13.44 -6.71 52.34
C GLU B 17 -13.83 -7.15 50.92
N LEU B 18 -13.67 -6.24 49.96
CA LEU B 18 -13.88 -6.51 48.54
C LEU B 18 -12.95 -7.60 47.98
N THR B 19 -11.69 -7.63 48.45
CA THR B 19 -10.80 -8.76 48.13
C THR B 19 -11.49 -10.04 48.51
N LYS B 20 -11.89 -10.15 49.78
CA LYS B 20 -12.44 -11.40 50.30
C LYS B 20 -13.59 -11.75 49.37
N LEU B 21 -14.28 -10.70 48.92
CA LEU B 21 -15.44 -10.83 48.03
C LEU B 21 -15.19 -11.35 46.59
N LEU B 22 -14.17 -10.83 45.91
CA LEU B 22 -13.81 -11.41 44.61
C LEU B 22 -13.47 -12.90 44.74
N ASN B 23 -13.02 -13.33 45.93
CA ASN B 23 -12.68 -14.74 46.14
C ASN B 23 -13.83 -15.58 46.65
N ASP B 24 -15.01 -14.96 46.84
CA ASP B 24 -16.21 -15.75 47.13
C ASP B 24 -16.46 -16.88 46.13
N GLU B 25 -17.18 -17.91 46.58
CA GLU B 25 -17.57 -19.07 45.77
C GLU B 25 -18.88 -18.85 45.04
N ASP B 26 -19.72 -17.93 45.53
CA ASP B 26 -20.93 -17.55 44.79
C ASP B 26 -20.62 -16.36 43.84
N GLN B 27 -20.99 -16.57 42.58
CA GLN B 27 -20.58 -15.70 41.49
C GLN B 27 -21.42 -14.43 41.41
N VAL B 28 -22.60 -14.47 42.03
CA VAL B 28 -23.38 -13.25 42.22
C VAL B 28 -22.61 -12.25 43.09
N VAL B 29 -21.96 -12.79 44.12
CA VAL B 29 -21.18 -11.98 45.05
C VAL B 29 -19.98 -11.40 44.31
N VAL B 30 -19.33 -12.29 43.56
CA VAL B 30 -18.10 -11.95 42.85
C VAL B 30 -18.44 -10.82 41.92
N ASN B 31 -19.53 -11.05 41.18
CA ASN B 31 -19.93 -10.09 40.20
C ASN B 31 -20.11 -8.70 40.80
N LYS B 32 -20.82 -8.64 41.93
CA LYS B 32 -21.06 -7.38 42.63
C LYS B 32 -19.73 -6.74 43.05
N ALA B 33 -18.81 -7.56 43.59
CA ALA B 33 -17.50 -7.07 43.98
C ALA B 33 -16.74 -6.53 42.80
N ALA B 34 -16.90 -7.23 41.67
CA ALA B 34 -16.18 -6.79 40.47
C ALA B 34 -16.66 -5.42 40.00
N VAL B 35 -17.96 -5.16 40.05
CA VAL B 35 -18.48 -3.82 39.74
C VAL B 35 -17.95 -2.73 40.67
N MET B 36 -18.05 -3.00 41.98
CA MET B 36 -17.58 -2.06 42.97
C MET B 36 -16.11 -1.73 42.74
N VAL B 37 -15.30 -2.80 42.60
CA VAL B 37 -13.87 -2.61 42.38
C VAL B 37 -13.61 -1.89 41.07
N HIS B 38 -14.39 -2.22 40.03
CA HIS B 38 -14.20 -1.48 38.81
C HIS B 38 -14.49 0.00 39.09
N GLN B 39 -15.61 0.29 39.77
CA GLN B 39 -15.90 1.69 40.07
C GLN B 39 -14.78 2.40 40.86
N LEU B 40 -14.29 1.77 41.93
CA LEU B 40 -13.18 2.34 42.70
C LEU B 40 -11.99 2.63 41.81
N SER B 41 -11.70 1.72 40.89
CA SER B 41 -10.58 1.95 39.95
C SER B 41 -10.71 3.22 39.11
N LYS B 42 -11.91 3.82 39.03
CA LYS B 42 -12.11 5.06 38.22
C LYS B 42 -11.63 6.40 38.83
N LYS B 43 -11.11 6.35 40.06
CA LYS B 43 -10.81 7.54 40.87
C LYS B 43 -9.47 7.37 41.63
N GLU B 44 -8.71 8.47 41.64
CA GLU B 44 -7.33 8.51 42.09
C GLU B 44 -7.05 7.78 43.41
N ALA B 45 -7.65 8.21 44.53
CA ALA B 45 -7.23 7.67 45.83
C ALA B 45 -7.63 6.21 46.10
N SER B 46 -8.84 5.82 45.67
CA SER B 46 -9.25 4.41 45.70
C SER B 46 -8.37 3.54 44.75
N ARG B 47 -7.96 4.12 43.63
CA ARG B 47 -7.02 3.45 42.72
C ARG B 47 -5.68 3.04 43.41
N HIS B 48 -5.07 4.00 44.12
CA HIS B 48 -3.83 3.78 44.84
C HIS B 48 -4.04 2.71 45.86
N ALA B 49 -5.21 2.72 46.49
CA ALA B 49 -5.55 1.73 47.48
C ALA B 49 -5.62 0.36 46.87
N ILE B 50 -6.04 0.29 45.60
CA ILE B 50 -6.03 -0.97 44.90
C ILE B 50 -4.59 -1.35 44.53
N MET B 51 -3.85 -0.43 43.93
CA MET B 51 -2.44 -0.70 43.54
C MET B 51 -1.54 -1.21 44.67
N ARG B 52 -1.81 -0.72 45.89
CA ARG B 52 -1.00 -1.05 47.02
C ARG B 52 -1.38 -2.41 47.60
N SER B 53 -2.47 -3.02 47.15
CA SER B 53 -2.82 -4.31 47.73
C SER B 53 -2.61 -5.49 46.82
N PRO B 54 -1.50 -6.22 47.02
CA PRO B 54 -1.22 -7.43 46.26
C PRO B 54 -2.31 -8.49 46.29
N GLN B 55 -3.00 -8.67 47.41
CA GLN B 55 -3.98 -9.76 47.48
C GLN B 55 -5.16 -9.33 46.63
N MET B 56 -5.30 -8.00 46.47
CA MET B 56 -6.41 -7.41 45.74
C MET B 56 -6.22 -7.69 44.27
N VAL B 57 -5.14 -7.10 43.73
CA VAL B 57 -4.80 -7.31 42.35
C VAL B 57 -4.86 -8.81 41.98
N SER B 58 -4.32 -9.69 42.82
CA SER B 58 -4.36 -11.11 42.48
C SER B 58 -5.78 -11.55 42.25
N ALA B 59 -6.68 -11.07 43.10
CA ALA B 59 -8.06 -11.51 43.03
C ALA B 59 -8.72 -10.98 41.76
N ILE B 60 -8.42 -9.72 41.41
CA ILE B 60 -8.88 -9.15 40.14
C ILE B 60 -8.39 -9.99 38.95
N VAL B 61 -7.07 -10.24 38.92
CA VAL B 61 -6.46 -11.02 37.87
C VAL B 61 -7.09 -12.42 37.86
N ARG B 62 -7.12 -13.08 39.02
CA ARG B 62 -7.68 -14.43 39.05
C ARG B 62 -9.10 -14.46 38.53
N THR B 63 -9.95 -13.59 39.06
CA THR B 63 -11.36 -13.57 38.71
C THR B 63 -11.58 -13.37 37.21
N MET B 64 -10.91 -12.38 36.63
CA MET B 64 -10.97 -12.12 35.20
C MET B 64 -10.73 -13.39 34.38
N GLN B 65 -9.75 -14.14 34.83
CA GLN B 65 -9.30 -15.34 34.16
C GLN B 65 -10.29 -16.43 34.33
N ASN B 66 -11.02 -16.40 35.44
CA ASN B 66 -11.82 -17.54 35.80
C ASN B 66 -13.30 -17.36 35.59
N THR B 67 -13.78 -16.13 35.57
CA THR B 67 -15.23 -15.95 35.52
C THR B 67 -15.89 -16.46 34.22
N ASN B 68 -17.16 -16.83 34.29
CA ASN B 68 -17.90 -17.09 33.05
C ASN B 68 -18.99 -16.07 32.88
N ASP B 69 -18.83 -14.99 33.64
CA ASP B 69 -19.72 -13.85 33.57
C ASP B 69 -19.03 -12.73 32.84
N VAL B 70 -19.67 -12.26 31.78
CA VAL B 70 -19.09 -11.26 30.89
C VAL B 70 -18.95 -9.97 31.63
N GLU B 71 -20.00 -9.63 32.39
CA GLU B 71 -19.92 -8.39 33.15
C GLU B 71 -18.73 -8.44 34.07
N THR B 72 -18.56 -9.56 34.75
CA THR B 72 -17.42 -9.73 35.64
C THR B 72 -16.06 -9.52 34.94
N ALA B 73 -15.89 -10.23 33.82
CA ALA B 73 -14.66 -10.17 33.04
C ALA B 73 -14.42 -8.75 32.55
N ARG B 74 -15.51 -8.09 32.18
CA ARG B 74 -15.44 -6.74 31.69
C ARG B 74 -14.99 -5.80 32.81
N CYS B 75 -15.52 -6.01 34.00
CA CYS B 75 -15.16 -5.15 35.12
C CYS B 75 -13.72 -5.30 35.58
N THR B 76 -13.29 -6.56 35.62
CA THR B 76 -11.93 -6.89 36.01
C THR B 76 -10.95 -6.36 34.96
N ALA B 77 -11.19 -6.72 33.71
CA ALA B 77 -10.25 -6.27 32.71
C ALA B 77 -10.28 -4.74 32.68
N GLY B 78 -11.46 -4.15 32.80
CA GLY B 78 -11.50 -2.69 32.91
C GLY B 78 -10.66 -2.14 34.09
N THR B 79 -10.64 -2.86 35.19
CA THR B 79 -9.94 -2.36 36.33
C THR B 79 -8.44 -2.38 36.06
N LEU B 80 -7.97 -3.54 35.59
CA LEU B 80 -6.58 -3.65 35.15
C LEU B 80 -6.20 -2.54 34.19
N HIS B 81 -7.07 -2.25 33.22
CA HIS B 81 -6.80 -1.19 32.26
C HIS B 81 -6.58 0.09 33.02
N ASN B 82 -7.44 0.35 33.98
CA ASN B 82 -7.31 1.54 34.76
C ASN B 82 -5.96 1.61 35.55
N LEU B 83 -5.61 0.53 36.26
CA LEU B 83 -4.33 0.52 36.98
C LEU B 83 -3.13 0.73 36.06
N SER B 84 -3.25 0.31 34.82
CA SER B 84 -2.12 0.38 33.93
C SER B 84 -1.83 1.80 33.40
N HIS B 85 -2.48 2.84 33.90
CA HIS B 85 -2.06 4.19 33.47
C HIS B 85 -1.01 4.80 34.39
N HIS B 86 -0.60 4.05 35.40
CA HIS B 86 0.24 4.61 36.44
C HIS B 86 1.39 3.68 36.75
N ARG B 87 2.59 4.24 36.84
CA ARG B 87 3.79 3.44 37.10
C ARG B 87 3.50 2.37 38.18
N GLU B 88 2.83 2.77 39.26
CA GLU B 88 2.58 1.86 40.38
C GLU B 88 1.67 0.66 40.00
N GLY B 89 0.66 0.93 39.16
CA GLY B 89 -0.33 -0.07 38.69
C GLY B 89 0.28 -1.13 37.76
N LEU B 90 0.97 -0.60 36.74
CA LEU B 90 1.83 -1.39 35.86
C LEU B 90 2.60 -2.43 36.68
N LEU B 91 3.38 -1.97 37.67
CA LEU B 91 4.17 -2.86 38.51
C LEU B 91 3.34 -3.92 39.21
N ALA B 92 2.25 -3.49 39.82
CA ALA B 92 1.38 -4.45 40.50
C ALA B 92 0.87 -5.50 39.55
N ILE B 93 0.37 -5.08 38.38
CA ILE B 93 -0.25 -6.00 37.40
C ILE B 93 0.79 -7.07 37.03
N PHE B 94 1.96 -6.55 36.63
CA PHE B 94 3.16 -7.37 36.41
C PHE B 94 3.48 -8.31 37.58
N LYS B 95 3.73 -7.72 38.74
CA LYS B 95 4.13 -8.53 39.90
C LYS B 95 3.12 -9.65 40.25
N SER B 96 1.88 -9.59 39.76
CA SER B 96 0.88 -10.64 40.09
C SER B 96 0.63 -11.64 38.99
N GLY B 97 1.44 -11.58 37.93
CA GLY B 97 1.21 -12.46 36.78
C GLY B 97 -0.12 -12.10 36.11
N GLY B 98 -0.25 -10.80 35.87
CA GLY B 98 -1.32 -10.29 35.03
C GLY B 98 -1.15 -10.73 33.59
N ILE B 99 0.10 -10.62 33.10
CA ILE B 99 0.43 -10.86 31.70
C ILE B 99 -0.20 -12.18 31.20
N PRO B 100 -0.04 -13.26 31.94
CA PRO B 100 -0.51 -14.52 31.39
C PRO B 100 -2.01 -14.53 31.28
N ALA B 101 -2.64 -13.80 32.18
CA ALA B 101 -4.06 -13.76 32.27
C ALA B 101 -4.59 -12.85 31.13
N LEU B 102 -3.91 -11.72 30.95
CA LEU B 102 -4.16 -10.80 29.89
C LEU B 102 -3.97 -11.48 28.55
N VAL B 103 -2.89 -12.26 28.44
CA VAL B 103 -2.69 -12.98 27.20
C VAL B 103 -3.84 -13.95 26.95
N LYS B 104 -4.26 -14.71 27.96
CA LYS B 104 -5.38 -15.62 27.77
C LYS B 104 -6.64 -14.83 27.35
N MET B 105 -6.75 -13.58 27.82
CA MET B 105 -7.95 -12.76 27.56
C MET B 105 -7.95 -12.26 26.12
N LEU B 106 -6.88 -12.46 25.38
CA LEU B 106 -6.89 -12.12 23.96
C LEU B 106 -7.77 -13.06 23.17
N GLY B 107 -8.18 -14.16 23.78
CA GLY B 107 -9.16 -15.09 23.23
C GLY B 107 -10.60 -14.70 23.47
N SER B 108 -10.81 -13.60 24.22
CA SER B 108 -12.19 -13.22 24.57
C SER B 108 -13.06 -12.93 23.36
N PRO B 109 -14.27 -13.49 23.35
CA PRO B 109 -15.33 -13.15 22.39
C PRO B 109 -15.93 -11.79 22.67
N VAL B 110 -15.66 -11.22 23.84
CA VAL B 110 -16.31 -9.99 24.21
C VAL B 110 -15.41 -8.81 23.87
N ASP B 111 -15.93 -7.92 23.05
CA ASP B 111 -15.16 -6.77 22.56
C ASP B 111 -14.51 -5.90 23.65
N SER B 112 -15.28 -5.45 24.63
CA SER B 112 -14.71 -4.65 25.71
C SER B 112 -13.58 -5.43 26.41
N VAL B 113 -13.77 -6.73 26.66
CA VAL B 113 -12.75 -7.45 27.37
C VAL B 113 -11.47 -7.42 26.55
N LEU B 114 -11.63 -7.82 25.31
CA LEU B 114 -10.52 -7.81 24.40
C LEU B 114 -9.84 -6.45 24.37
N PHE B 115 -10.64 -5.40 24.30
CA PHE B 115 -10.05 -4.10 24.18
C PHE B 115 -9.19 -3.75 25.42
N TYR B 116 -9.73 -4.09 26.59
CA TYR B 116 -9.02 -3.80 27.83
C TYR B 116 -7.73 -4.60 27.87
N ALA B 117 -7.85 -5.90 27.60
CA ALA B 117 -6.72 -6.79 27.56
C ALA B 117 -5.62 -6.23 26.66
N ILE B 118 -5.97 -5.95 25.40
CA ILE B 118 -4.98 -5.54 24.42
C ILE B 118 -4.30 -4.22 24.82
N THR B 119 -5.07 -3.27 25.32
CA THR B 119 -4.46 -1.98 25.66
C THR B 119 -3.64 -2.08 26.91
N THR B 120 -3.98 -2.99 27.84
CA THR B 120 -3.21 -3.09 29.06
C THR B 120 -1.84 -3.63 28.68
N LEU B 121 -1.83 -4.71 27.91
CA LEU B 121 -0.58 -5.23 27.33
C LEU B 121 0.15 -4.15 26.57
N HIS B 122 -0.55 -3.37 25.78
CA HIS B 122 0.11 -2.29 25.12
C HIS B 122 0.80 -1.40 26.12
N ASN B 123 0.11 -1.06 27.20
CA ASN B 123 0.67 -0.19 28.24
C ASN B 123 1.87 -0.75 28.94
N LEU B 124 1.73 -2.02 29.32
CA LEU B 124 2.83 -2.81 29.86
C LEU B 124 4.05 -2.76 28.93
N LEU B 125 3.88 -3.20 27.68
CA LEU B 125 4.99 -3.17 26.72
C LEU B 125 5.60 -1.80 26.50
N LEU B 126 4.79 -0.75 26.54
CA LEU B 126 5.40 0.58 26.42
C LEU B 126 6.19 0.98 27.65
N HIS B 127 5.74 0.56 28.85
CA HIS B 127 6.20 1.23 30.06
C HIS B 127 6.78 0.43 31.21
N GLN B 128 6.70 -0.90 31.17
CA GLN B 128 7.06 -1.73 32.30
C GLN B 128 8.18 -2.73 31.94
N GLU B 129 9.36 -2.55 32.55
CA GLU B 129 10.49 -3.47 32.39
C GLU B 129 10.12 -4.94 32.64
N GLY B 130 10.64 -5.84 31.79
CA GLY B 130 10.26 -7.26 31.87
C GLY B 130 9.00 -7.59 31.08
N ALA B 131 8.33 -6.55 30.57
CA ALA B 131 7.04 -6.75 29.93
C ALA B 131 7.23 -7.60 28.69
N LYS B 132 8.18 -7.21 27.83
CA LYS B 132 8.44 -8.02 26.62
C LYS B 132 8.63 -9.49 26.90
N MET B 133 9.61 -9.80 27.75
CA MET B 133 10.00 -11.18 27.99
C MET B 133 8.80 -11.89 28.55
N ALA B 134 8.09 -11.20 29.44
CA ALA B 134 6.98 -11.85 30.10
C ALA B 134 5.88 -12.10 29.09
N VAL B 135 5.69 -11.12 28.21
CA VAL B 135 4.68 -11.32 27.15
C VAL B 135 5.12 -12.44 26.19
N ARG B 136 6.40 -12.44 25.76
CA ARG B 136 6.86 -13.50 24.83
C ARG B 136 6.62 -14.84 25.52
N LEU B 137 7.16 -14.96 26.75
CA LEU B 137 6.93 -16.15 27.56
C LEU B 137 5.51 -16.66 27.60
N ALA B 138 4.54 -15.75 27.70
CA ALA B 138 3.14 -16.15 27.88
C ALA B 138 2.48 -16.63 26.56
N GLY B 139 3.24 -16.54 25.46
CA GLY B 139 2.76 -16.93 24.13
C GLY B 139 1.97 -15.78 23.50
N GLY B 140 2.38 -14.56 23.87
CA GLY B 140 1.78 -13.31 23.47
C GLY B 140 1.78 -13.10 21.98
N LEU B 141 2.96 -13.12 21.39
CA LEU B 141 3.13 -13.00 19.95
C LEU B 141 2.14 -13.87 19.19
N GLN B 142 2.07 -15.15 19.54
CA GLN B 142 1.20 -16.00 18.76
C GLN B 142 -0.21 -15.50 18.88
N LYS B 143 -0.70 -15.31 20.10
CA LYS B 143 -2.05 -14.81 20.29
C LYS B 143 -2.34 -13.55 19.47
N MET B 144 -1.46 -12.59 19.52
CA MET B 144 -1.67 -11.37 18.80
C MET B 144 -1.70 -11.57 17.27
N VAL B 145 -0.78 -12.36 16.74
CA VAL B 145 -0.81 -12.69 15.34
C VAL B 145 -2.16 -13.33 14.98
N ALA B 146 -2.65 -14.20 15.83
CA ALA B 146 -3.93 -14.78 15.57
C ALA B 146 -5.04 -13.73 15.56
N LEU B 147 -4.83 -12.61 16.24
CA LEU B 147 -5.89 -11.61 16.27
C LEU B 147 -5.94 -10.76 15.02
N LEU B 148 -4.78 -10.65 14.35
CA LEU B 148 -4.57 -9.74 13.24
C LEU B 148 -5.69 -9.79 12.19
N ASN B 149 -6.30 -10.94 11.99
CA ASN B 149 -7.36 -10.93 11.04
C ASN B 149 -8.78 -11.20 11.54
N LYS B 150 -9.07 -10.84 12.78
CA LYS B 150 -10.35 -11.16 13.42
C LYS B 150 -10.86 -9.93 14.10
N THR B 151 -10.23 -8.82 13.79
CA THR B 151 -10.50 -7.66 14.54
C THR B 151 -10.72 -6.46 13.65
N ASN B 152 -11.48 -5.50 14.14
CA ASN B 152 -11.66 -4.27 13.41
C ASN B 152 -10.42 -3.39 13.50
N VAL B 153 -10.43 -2.33 12.74
CA VAL B 153 -9.22 -1.61 12.50
C VAL B 153 -8.74 -0.86 13.71
N LYS B 154 -9.67 -0.39 14.54
CA LYS B 154 -9.30 0.25 15.82
C LYS B 154 -8.44 -0.75 16.62
N PHE B 155 -8.91 -2.01 16.78
CA PHE B 155 -8.16 -3.03 17.54
C PHE B 155 -6.87 -3.42 16.80
N LEU B 156 -6.99 -3.63 15.49
CA LEU B 156 -5.86 -3.93 14.65
C LEU B 156 -4.66 -3.02 14.93
N ALA B 157 -4.86 -1.71 15.04
CA ALA B 157 -3.73 -0.80 15.12
C ALA B 157 -3.04 -0.89 16.46
N ILE B 158 -3.78 -1.20 17.51
CA ILE B 158 -3.15 -1.42 18.81
C ILE B 158 -2.34 -2.72 18.80
N THR B 159 -2.99 -3.79 18.32
CA THR B 159 -2.31 -5.05 18.15
C THR B 159 -1.00 -4.96 17.37
N THR B 160 -1.00 -4.18 16.30
CA THR B 160 0.20 -4.12 15.55
C THR B 160 1.29 -3.31 16.23
N ASP B 161 0.90 -2.41 17.13
CA ASP B 161 1.89 -1.63 17.87
C ASP B 161 2.53 -2.53 18.92
N CYS B 162 1.69 -3.28 19.61
CA CYS B 162 2.20 -4.24 20.56
C CYS B 162 3.18 -5.10 19.85
N LEU B 163 2.72 -5.68 18.74
CA LEU B 163 3.57 -6.57 18.00
C LEU B 163 4.90 -5.93 17.71
N GLN B 164 4.93 -4.68 17.32
CA GLN B 164 6.20 -4.21 16.89
C GLN B 164 7.14 -4.03 18.07
N ILE B 165 6.54 -3.91 19.26
CA ILE B 165 7.30 -3.78 20.48
C ILE B 165 7.82 -5.14 20.87
N LEU B 166 6.96 -6.14 20.77
CA LEU B 166 7.34 -7.53 20.91
C LEU B 166 8.34 -8.05 19.90
N ALA B 167 8.65 -7.25 18.86
CA ALA B 167 9.64 -7.56 17.80
C ALA B 167 10.22 -8.97 17.85
N ARG C 13 0.64 32.18 32.56
CA ARG C 13 1.87 32.80 33.16
C ARG C 13 2.12 34.19 32.57
N ALA C 14 2.75 34.23 31.40
CA ALA C 14 2.98 35.49 30.71
C ALA C 14 1.72 36.04 29.97
N ILE C 15 1.01 35.20 29.18
CA ILE C 15 -0.14 35.61 28.29
C ILE C 15 0.07 36.76 27.21
N PRO C 16 1.35 37.06 26.83
CA PRO C 16 1.50 38.21 25.94
C PRO C 16 1.00 37.96 24.50
N GLU C 17 0.03 38.81 24.10
CA GLU C 17 -0.36 38.96 22.69
C GLU C 17 0.65 39.77 21.85
N LEU C 18 1.49 40.56 22.54
CA LEU C 18 2.64 41.25 21.90
C LEU C 18 3.62 40.20 21.36
N THR C 19 3.83 39.14 22.15
CA THR C 19 4.63 37.95 21.79
C THR C 19 4.09 37.17 20.55
N LYS C 20 2.80 36.79 20.55
CA LYS C 20 2.16 36.20 19.33
C LYS C 20 2.01 37.26 18.19
N LEU C 21 3.13 37.91 17.83
CA LEU C 21 3.12 38.95 16.79
C LEU C 21 2.86 38.32 15.44
N LEU C 22 3.50 37.16 15.28
CA LEU C 22 4.36 37.00 14.04
C LEU C 22 3.84 37.25 12.59
N ASN C 23 2.59 37.74 12.46
CA ASN C 23 1.90 37.92 11.16
C ASN C 23 2.64 38.67 10.01
N ASP C 24 3.49 39.65 10.36
CA ASP C 24 4.16 40.58 9.38
C ASP C 24 3.98 40.27 7.86
N GLN C 27 6.83 38.21 8.21
CA GLN C 27 7.69 37.54 7.24
C GLN C 27 8.21 36.18 7.81
N VAL C 28 9.54 36.09 8.01
CA VAL C 28 10.18 34.94 8.73
C VAL C 28 9.86 34.97 10.26
N VAL C 29 9.10 36.01 10.66
CA VAL C 29 8.69 36.26 12.05
C VAL C 29 7.66 35.25 12.61
N VAL C 30 6.76 34.71 11.77
CA VAL C 30 5.64 33.87 12.27
C VAL C 30 6.10 32.57 12.99
N ASN C 31 7.15 31.94 12.47
CA ASN C 31 7.62 30.63 12.96
C ASN C 31 8.36 30.59 14.32
N LYS C 32 9.21 31.60 14.54
CA LYS C 32 9.92 31.83 15.80
C LYS C 32 8.91 31.74 16.95
N ALA C 33 7.75 32.33 16.70
CA ALA C 33 6.62 32.39 17.64
C ALA C 33 5.76 31.12 17.61
N ALA C 34 5.66 30.52 16.42
CA ALA C 34 4.99 29.23 16.30
C ALA C 34 5.63 28.33 17.34
N VAL C 35 6.95 28.09 17.15
CA VAL C 35 7.67 27.19 18.07
C VAL C 35 7.18 27.51 19.49
N MET C 36 7.22 28.82 19.79
CA MET C 36 6.93 29.38 21.10
C MET C 36 5.46 29.25 21.52
N VAL C 37 4.53 29.36 20.58
CA VAL C 37 3.10 29.23 20.92
C VAL C 37 2.72 27.78 21.28
N HIS C 38 3.41 26.82 20.64
CA HIS C 38 3.32 25.39 21.00
C HIS C 38 3.79 25.24 22.43
N GLN C 39 4.94 25.85 22.73
CA GLN C 39 5.44 25.93 24.09
C GLN C 39 4.33 26.29 25.06
N LEU C 40 3.55 27.32 24.73
CA LEU C 40 2.44 27.76 25.59
C LEU C 40 1.19 26.86 25.52
N SER C 41 1.31 25.73 24.83
CA SER C 41 0.17 24.84 24.71
C SER C 41 0.30 23.59 25.58
N LYS C 42 1.52 23.12 25.81
CA LYS C 42 1.72 21.87 26.54
C LYS C 42 1.38 21.95 28.04
N LYS C 43 1.35 23.16 28.59
CA LYS C 43 1.03 23.37 30.01
C LYS C 43 -0.38 23.95 30.14
N GLU C 44 -1.33 23.11 30.55
CA GLU C 44 -2.77 23.40 30.36
C GLU C 44 -3.28 24.64 31.15
N ALA C 45 -2.30 25.33 31.74
CA ALA C 45 -2.44 26.74 32.13
C ALA C 45 -2.31 27.63 30.88
N SER C 46 -1.16 27.52 30.19
CA SER C 46 -0.88 28.30 28.97
C SER C 46 -1.89 28.01 27.87
N ARG C 47 -2.23 26.73 27.67
CA ARG C 47 -3.26 26.35 26.69
C ARG C 47 -4.65 26.84 27.08
N HIS C 48 -4.89 26.97 28.40
CA HIS C 48 -6.10 27.65 28.92
C HIS C 48 -6.01 29.17 28.74
N ALA C 49 -4.77 29.67 28.57
CA ALA C 49 -4.48 31.07 28.21
C ALA C 49 -5.00 31.39 26.80
N ILE C 50 -4.40 30.72 25.81
CA ILE C 50 -4.68 31.02 24.42
C ILE C 50 -6.06 30.53 23.99
N MET C 51 -6.57 29.51 24.67
CA MET C 51 -7.95 29.06 24.36
C MET C 51 -9.08 29.89 25.02
N ARG C 52 -8.74 30.80 25.95
CA ARG C 52 -9.72 31.77 26.44
C ARG C 52 -9.66 33.08 25.61
N SER C 53 -8.57 33.24 24.84
CA SER C 53 -8.37 34.41 23.94
C SER C 53 -8.70 34.09 22.46
N PRO C 54 -9.93 34.38 22.01
CA PRO C 54 -10.34 34.08 20.63
C PRO C 54 -9.53 34.83 19.55
N GLN C 55 -8.66 35.76 19.95
CA GLN C 55 -7.84 36.50 18.99
C GLN C 55 -6.70 35.63 18.49
N MET C 56 -6.18 34.77 19.38
CA MET C 56 -5.06 33.86 19.06
C MET C 56 -5.48 32.54 18.38
N VAL C 57 -6.57 31.91 18.87
CA VAL C 57 -7.22 30.79 18.17
C VAL C 57 -7.29 31.19 16.70
N SER C 58 -7.86 32.37 16.42
CA SER C 58 -7.93 32.92 15.04
C SER C 58 -6.59 33.06 14.35
N ALA C 59 -5.63 33.63 15.08
CA ALA C 59 -4.30 33.92 14.54
C ALA C 59 -3.47 32.69 14.16
N ILE C 60 -3.78 31.54 14.76
CA ILE C 60 -3.15 30.25 14.40
C ILE C 60 -3.89 29.43 13.27
N VAL C 61 -5.22 29.33 13.34
CA VAL C 61 -6.09 28.85 12.23
C VAL C 61 -5.72 29.48 10.86
N ARG C 62 -5.62 30.81 10.81
CA ARG C 62 -5.18 31.54 9.61
C ARG C 62 -3.70 31.26 9.30
N THR C 63 -2.84 31.31 10.32
CA THR C 63 -1.39 31.13 10.12
C THR C 63 -1.06 29.88 9.29
N MET C 64 -1.56 28.73 9.75
CA MET C 64 -1.30 27.39 9.22
C MET C 64 -1.58 27.23 7.70
N GLN C 65 -2.79 27.68 7.34
CA GLN C 65 -3.38 27.58 5.99
C GLN C 65 -2.55 28.27 4.86
N ASN C 66 -1.64 29.18 5.23
CA ASN C 66 -0.79 29.90 4.26
C ASN C 66 0.69 29.62 4.47
N THR C 67 1.06 29.26 5.70
CA THR C 67 2.48 29.07 6.14
C THR C 67 3.24 27.87 5.51
N ASN C 68 4.59 27.87 5.55
CA ASN C 68 5.40 26.90 4.74
C ASN C 68 6.79 26.53 5.22
N ASP C 69 7.09 26.66 6.52
CA ASP C 69 8.41 26.17 7.00
C ASP C 69 8.29 24.75 7.66
N VAL C 70 9.22 23.84 7.36
CA VAL C 70 9.25 22.54 8.07
C VAL C 70 8.99 22.76 9.56
N GLU C 71 9.77 23.69 10.13
CA GLU C 71 9.57 24.19 11.49
C GLU C 71 8.11 24.64 11.69
N THR C 72 7.69 25.68 10.94
CA THR C 72 6.34 26.21 11.10
C THR C 72 5.26 25.14 11.12
N ALA C 73 5.33 24.24 10.13
CA ALA C 73 4.22 23.35 9.75
C ALA C 73 3.67 22.58 10.96
N ARG C 74 4.57 21.80 11.58
CA ARG C 74 4.15 20.98 12.69
C ARG C 74 3.62 21.86 13.81
N CYS C 75 4.50 22.75 14.33
CA CYS C 75 4.26 23.53 15.57
C CYS C 75 2.91 24.21 15.56
N THR C 76 2.56 24.79 14.41
CA THR C 76 1.20 25.32 14.19
C THR C 76 0.13 24.30 14.48
N ALA C 77 0.13 23.18 13.72
CA ALA C 77 -0.87 22.13 13.92
C ALA C 77 -0.73 21.49 15.30
N GLY C 78 0.53 21.29 15.73
CA GLY C 78 0.81 20.79 17.10
C GLY C 78 -0.07 21.59 18.03
N THR C 79 0.21 22.90 18.11
CA THR C 79 -0.54 23.77 19.01
C THR C 79 -2.05 23.40 19.03
N LEU C 80 -2.71 23.46 17.86
CA LEU C 80 -4.18 23.29 17.79
C LEU C 80 -4.59 21.91 18.26
N HIS C 81 -3.66 20.96 18.09
CA HIS C 81 -3.83 19.61 18.55
C HIS C 81 -4.10 19.66 20.05
N ASN C 82 -3.24 20.41 20.74
CA ASN C 82 -3.25 20.50 22.20
C ASN C 82 -4.52 21.08 22.76
N LEU C 83 -4.84 22.29 22.30
CA LEU C 83 -6.10 22.93 22.66
C LEU C 83 -7.20 21.90 22.70
N SER C 84 -7.09 20.99 21.74
CA SER C 84 -8.10 20.00 21.40
C SER C 84 -8.51 19.06 22.54
N HIS C 85 -7.75 19.07 23.63
CA HIS C 85 -7.90 18.07 24.71
C HIS C 85 -9.06 18.33 25.74
N HIS C 86 -9.36 19.59 26.02
CA HIS C 86 -10.50 19.90 26.91
C HIS C 86 -11.55 20.76 26.19
N ARG C 87 -12.83 20.60 26.64
CA ARG C 87 -14.00 21.26 26.00
C ARG C 87 -13.81 22.74 25.64
N GLU C 88 -12.78 23.38 26.21
CA GLU C 88 -12.46 24.76 25.87
C GLU C 88 -11.85 24.96 24.45
N GLY C 89 -10.74 24.29 24.13
CA GLY C 89 -10.12 24.45 22.78
C GLY C 89 -11.04 24.04 21.63
N LEU C 90 -11.89 23.05 21.92
CA LEU C 90 -12.88 22.52 20.99
C LEU C 90 -14.04 23.51 20.67
N LEU C 91 -14.50 24.27 21.65
CA LEU C 91 -15.27 25.46 21.34
C LEU C 91 -14.36 26.58 20.76
N ALA C 92 -13.10 26.63 21.19
CA ALA C 92 -12.19 27.70 20.73
C ALA C 92 -11.95 27.55 19.26
N ILE C 93 -11.42 26.39 18.89
CA ILE C 93 -11.17 25.97 17.52
C ILE C 93 -12.43 26.12 16.62
N PHE C 94 -13.57 25.59 17.10
CA PHE C 94 -14.87 25.56 16.37
C PHE C 94 -15.22 26.92 15.82
N LYS C 95 -15.27 27.89 16.75
CA LYS C 95 -15.71 29.27 16.50
C LYS C 95 -14.68 30.11 15.74
N SER C 96 -13.42 29.72 15.82
CA SER C 96 -12.38 30.45 15.14
C SER C 96 -12.22 30.01 13.69
N GLY C 97 -13.30 29.40 13.13
CA GLY C 97 -13.28 28.85 11.77
C GLY C 97 -12.06 27.96 11.51
N GLY C 98 -11.83 27.02 12.42
CA GLY C 98 -10.62 26.18 12.39
C GLY C 98 -10.78 24.89 11.58
N ILE C 99 -12.00 24.32 11.65
CA ILE C 99 -12.32 23.14 10.89
C ILE C 99 -11.87 23.36 9.44
N PRO C 100 -12.47 24.36 8.72
CA PRO C 100 -12.05 24.54 7.32
C PRO C 100 -10.54 24.62 7.13
N ALA C 101 -9.85 25.25 8.07
CA ALA C 101 -8.40 25.38 7.95
C ALA C 101 -7.67 24.06 8.04
N LEU C 102 -8.13 23.22 8.97
CA LEU C 102 -7.51 21.91 9.23
C LEU C 102 -7.71 20.99 8.03
N VAL C 103 -8.97 20.90 7.58
CA VAL C 103 -9.27 20.09 6.43
C VAL C 103 -8.26 20.40 5.34
N LYS C 104 -8.18 21.64 4.87
CA LYS C 104 -7.21 21.88 3.81
C LYS C 104 -5.89 21.19 4.20
N MET C 105 -5.65 20.98 5.49
CA MET C 105 -4.38 20.40 5.98
C MET C 105 -4.20 18.91 5.67
N LEU C 106 -5.31 18.21 5.54
CA LEU C 106 -5.31 16.82 5.08
C LEU C 106 -4.60 16.59 3.74
N GLY C 107 -4.44 17.67 2.95
CA GLY C 107 -3.59 17.67 1.74
C GLY C 107 -2.09 17.67 2.03
N SER C 108 -1.72 17.56 3.30
CA SER C 108 -0.37 17.91 3.68
C SER C 108 0.66 16.84 3.34
N PRO C 109 1.60 17.13 2.42
CA PRO C 109 2.63 16.11 2.16
C PRO C 109 3.49 15.74 3.39
N VAL C 110 3.29 16.41 4.53
CA VAL C 110 4.11 16.12 5.71
C VAL C 110 3.49 15.12 6.70
N ASP C 111 4.29 14.13 7.09
CA ASP C 111 3.82 13.07 7.96
C ASP C 111 3.06 13.61 9.19
N SER C 112 3.72 14.45 9.97
CA SER C 112 3.21 14.84 11.30
C SER C 112 2.09 15.88 11.24
N VAL C 113 2.18 16.77 10.26
CA VAL C 113 1.10 17.73 10.02
C VAL C 113 -0.23 17.01 9.85
N LEU C 114 -0.23 15.91 9.08
CA LEU C 114 -1.42 15.05 8.89
C LEU C 114 -1.87 14.41 10.17
N PHE C 115 -0.88 14.00 10.97
CA PHE C 115 -1.17 13.37 12.23
C PHE C 115 -1.90 14.38 13.04
N TYR C 116 -1.35 15.60 13.15
CA TYR C 116 -2.00 16.60 14.02
C TYR C 116 -3.37 16.98 13.46
N ALA C 117 -3.38 17.30 12.17
CA ALA C 117 -4.61 17.65 11.45
C ALA C 117 -5.78 16.72 11.75
N ILE C 118 -5.54 15.41 11.59
CA ILE C 118 -6.60 14.40 11.66
C ILE C 118 -7.09 14.13 13.08
N THR C 119 -6.16 14.14 14.03
CA THR C 119 -6.49 13.79 15.41
C THR C 119 -7.37 14.89 15.98
N THR C 120 -6.96 16.14 15.70
CA THR C 120 -7.74 17.33 16.05
C THR C 120 -9.20 17.19 15.62
N LEU C 121 -9.42 16.97 14.32
CA LEU C 121 -10.76 16.87 13.78
C LEU C 121 -11.43 15.75 14.46
N HIS C 122 -10.64 14.73 14.82
CA HIS C 122 -11.22 13.53 15.40
C HIS C 122 -11.89 13.93 16.72
N ASN C 123 -11.19 14.76 17.49
CA ASN C 123 -11.73 15.24 18.77
C ASN C 123 -13.03 16.06 18.52
N LEU C 124 -12.88 17.03 17.61
CA LEU C 124 -14.00 17.85 17.17
C LEU C 124 -15.27 17.02 16.83
N LEU C 125 -15.13 15.86 16.22
CA LEU C 125 -16.35 15.14 15.82
C LEU C 125 -16.95 14.31 16.93
N LEU C 126 -16.13 14.04 17.95
CA LEU C 126 -16.56 13.21 19.06
C LEU C 126 -17.25 14.03 20.15
N HIS C 127 -16.65 15.15 20.49
CA HIS C 127 -17.07 15.87 21.69
C HIS C 127 -17.88 17.11 21.38
N GLN C 128 -17.36 17.92 20.46
CA GLN C 128 -17.93 19.23 20.12
C GLN C 128 -19.14 19.12 19.17
N GLU C 129 -20.35 19.27 19.70
CA GLU C 129 -21.56 19.14 18.89
C GLU C 129 -21.76 20.29 17.86
N GLY C 130 -22.39 19.96 16.72
CA GLY C 130 -22.44 20.83 15.54
C GLY C 130 -21.17 20.81 14.68
N ALA C 131 -20.18 20.02 15.12
CA ALA C 131 -18.83 19.97 14.51
C ALA C 131 -18.77 19.20 13.19
N LYS C 132 -19.67 18.23 13.07
CA LYS C 132 -19.66 17.38 11.92
C LYS C 132 -20.07 18.18 10.70
N MET C 133 -21.25 18.80 10.77
CA MET C 133 -21.77 19.63 9.67
C MET C 133 -20.76 20.73 9.32
N ALA C 134 -20.09 21.24 10.33
CA ALA C 134 -18.97 22.14 10.07
C ALA C 134 -17.92 21.51 9.14
N VAL C 135 -17.51 20.27 9.44
CA VAL C 135 -16.54 19.53 8.60
C VAL C 135 -17.17 19.02 7.31
N ARG C 136 -18.38 18.48 7.45
CA ARG C 136 -19.12 17.96 6.32
C ARG C 136 -19.10 19.02 5.23
N LEU C 137 -19.72 20.17 5.54
CA LEU C 137 -19.84 21.30 4.59
C LEU C 137 -18.50 22.02 4.29
N ALA C 138 -17.43 21.67 4.99
CA ALA C 138 -16.09 22.10 4.55
C ALA C 138 -15.45 21.11 3.54
N GLY C 139 -16.21 20.08 3.14
CA GLY C 139 -15.75 19.02 2.20
C GLY C 139 -14.70 18.07 2.77
N GLY C 140 -14.90 17.71 4.03
CA GLY C 140 -13.87 17.05 4.78
C GLY C 140 -13.97 15.58 4.52
N LEU C 141 -15.20 15.13 4.29
CA LEU C 141 -15.39 13.73 4.00
C LEU C 141 -14.62 13.33 2.75
N GLN C 142 -14.66 14.15 1.72
CA GLN C 142 -13.96 13.78 0.51
C GLN C 142 -12.49 13.77 0.83
N LYS C 143 -12.05 14.66 1.70
CA LYS C 143 -10.62 14.71 2.01
C LYS C 143 -10.16 13.49 2.83
N MET C 144 -11.04 13.03 3.70
CA MET C 144 -10.74 11.84 4.51
C MET C 144 -10.72 10.59 3.63
N VAL C 145 -11.77 10.38 2.86
CA VAL C 145 -11.75 9.30 1.94
C VAL C 145 -10.47 9.22 1.13
N ALA C 146 -9.97 10.35 0.65
CA ALA C 146 -8.79 10.32 -0.19
C ALA C 146 -7.56 9.82 0.52
N LEU C 147 -7.64 9.84 1.83
CA LEU C 147 -6.49 9.61 2.68
C LEU C 147 -6.37 8.14 3.09
N LEU C 148 -7.51 7.44 3.08
CA LEU C 148 -7.64 6.06 3.50
C LEU C 148 -6.52 5.21 2.93
N ASN C 149 -6.40 5.41 1.65
CA ASN C 149 -5.41 4.88 0.76
C ASN C 149 -3.97 5.08 1.15
N LYS C 150 -3.65 6.19 1.82
CA LYS C 150 -2.28 6.77 1.80
C LYS C 150 -1.66 6.81 3.20
N THR C 151 -2.32 6.16 4.13
CA THR C 151 -2.00 6.30 5.53
C THR C 151 -1.75 4.96 6.26
N ASN C 152 -1.03 5.01 7.36
CA ASN C 152 -0.76 3.81 8.09
C ASN C 152 -1.90 3.51 9.00
N VAL C 153 -1.83 2.36 9.65
CA VAL C 153 -3.00 1.80 10.28
C VAL C 153 -3.36 2.58 11.53
N LYS C 154 -2.37 3.15 12.25
CA LYS C 154 -2.74 4.07 13.31
C LYS C 154 -3.67 5.16 12.77
N PHE C 155 -3.21 5.90 11.73
CA PHE C 155 -4.01 7.01 11.16
C PHE C 155 -5.31 6.52 10.53
N LEU C 156 -5.24 5.39 9.83
CA LEU C 156 -6.37 4.84 9.11
C LEU C 156 -7.48 4.57 10.10
N ALA C 157 -7.10 4.17 11.31
CA ALA C 157 -8.06 3.85 12.35
C ALA C 157 -8.78 5.11 12.80
N ILE C 158 -8.05 6.25 12.78
CA ILE C 158 -8.60 7.52 13.19
C ILE C 158 -9.55 7.99 12.11
N THR C 159 -9.02 8.08 10.90
CA THR C 159 -9.74 8.47 9.72
C THR C 159 -11.04 7.73 9.55
N THR C 160 -11.04 6.41 9.73
CA THR C 160 -12.29 5.73 9.41
C THR C 160 -13.25 6.07 10.49
N ASP C 161 -12.72 6.41 11.66
CA ASP C 161 -13.66 6.68 12.74
C ASP C 161 -14.33 8.01 12.52
N CYS C 162 -13.52 9.04 12.22
CA CYS C 162 -14.08 10.27 11.77
C CYS C 162 -15.23 10.03 10.77
N LEU C 163 -14.95 9.22 9.76
CA LEU C 163 -15.90 9.10 8.68
C LEU C 163 -17.22 8.56 9.14
N GLN C 164 -17.23 7.68 10.13
CA GLN C 164 -18.48 7.08 10.58
C GLN C 164 -19.31 8.07 11.38
N ILE C 165 -18.62 9.05 11.94
CA ILE C 165 -19.28 10.18 12.55
C ILE C 165 -20.00 11.01 11.44
N LEU C 166 -19.20 11.52 10.50
CA LEU C 166 -19.73 12.24 9.33
C LEU C 166 -20.86 11.48 8.65
N ALA C 167 -20.98 10.16 8.97
CA ALA C 167 -22.04 9.30 8.45
C ALA C 167 -22.14 9.35 6.91
N TYR D 4 46.58 21.76 -31.86
CA TYR D 4 46.25 21.69 -30.41
C TYR D 4 45.19 20.59 -30.13
N GLN D 5 45.62 19.41 -29.65
CA GLN D 5 44.70 18.36 -29.12
C GLN D 5 44.50 18.55 -27.61
N ASP D 6 45.48 19.22 -27.01
CA ASP D 6 45.37 19.70 -25.64
C ASP D 6 44.05 20.53 -25.48
N ASP D 7 43.47 20.94 -26.63
CA ASP D 7 42.39 21.95 -26.77
C ASP D 7 41.09 21.63 -26.08
N ALA D 8 40.81 20.32 -25.94
CA ALA D 8 39.50 19.73 -25.63
C ALA D 8 39.01 20.00 -24.23
N GLU D 9 39.84 20.60 -23.39
CA GLU D 9 39.30 21.17 -22.16
C GLU D 9 38.23 22.26 -22.47
N LEU D 10 38.15 22.66 -23.74
CA LEU D 10 37.18 23.64 -24.23
C LEU D 10 35.82 23.03 -24.41
N ALA D 11 35.81 21.97 -25.19
CA ALA D 11 34.65 21.12 -25.33
C ALA D 11 34.20 20.76 -23.90
N THR D 12 35.10 20.30 -23.03
CA THR D 12 34.70 19.99 -21.67
C THR D 12 34.00 21.14 -20.97
N ARG D 13 34.54 22.37 -21.08
CA ARG D 13 33.84 23.57 -20.59
C ARG D 13 32.47 23.87 -21.27
N ALA D 14 32.35 23.60 -22.56
CA ALA D 14 31.14 23.91 -23.33
C ALA D 14 30.00 22.92 -23.16
N ILE D 15 30.33 21.68 -22.80
CA ILE D 15 29.31 20.60 -22.73
C ILE D 15 28.09 21.01 -21.84
N PRO D 16 28.32 21.48 -20.58
CA PRO D 16 27.13 21.90 -19.80
C PRO D 16 26.23 22.89 -20.52
N GLU D 17 26.75 23.92 -21.18
CA GLU D 17 25.90 24.95 -21.87
C GLU D 17 25.20 24.35 -23.06
N LEU D 18 25.94 23.59 -23.83
CA LEU D 18 25.34 23.01 -25.03
C LEU D 18 24.30 21.95 -24.69
N THR D 19 24.48 21.26 -23.58
CA THR D 19 23.50 20.31 -23.13
C THR D 19 22.23 21.09 -22.84
N LYS D 20 22.37 22.16 -22.07
CA LYS D 20 21.23 22.98 -21.77
C LYS D 20 20.56 23.46 -23.04
N LEU D 21 21.36 23.83 -24.02
CA LEU D 21 20.75 24.29 -25.26
C LEU D 21 20.04 23.18 -25.99
N LEU D 22 20.60 21.97 -26.00
CA LEU D 22 19.88 20.87 -26.64
C LEU D 22 18.53 20.55 -25.95
N ASN D 23 18.46 20.85 -24.66
CA ASN D 23 17.28 20.52 -23.85
C ASN D 23 16.21 21.62 -23.86
N ASP D 24 16.47 22.71 -24.56
CA ASP D 24 15.61 23.86 -24.51
C ASP D 24 14.27 23.63 -25.19
N GLU D 25 13.24 24.36 -24.76
CA GLU D 25 11.90 24.26 -25.37
C GLU D 25 11.89 24.72 -26.81
N ASP D 26 12.74 25.70 -27.13
CA ASP D 26 12.79 26.32 -28.44
C ASP D 26 13.52 25.48 -29.50
N GLN D 27 12.84 25.13 -30.57
CA GLN D 27 13.40 24.19 -31.52
C GLN D 27 14.53 24.76 -32.33
N VAL D 28 14.54 26.08 -32.45
CA VAL D 28 15.56 26.71 -33.25
C VAL D 28 16.84 26.72 -32.43
N VAL D 29 16.69 26.95 -31.14
CA VAL D 29 17.82 27.01 -30.22
C VAL D 29 18.46 25.64 -30.19
N VAL D 30 17.62 24.61 -30.15
CA VAL D 30 18.03 23.22 -30.20
C VAL D 30 18.86 22.93 -31.45
N ASN D 31 18.33 23.34 -32.58
CA ASN D 31 18.98 23.09 -33.83
C ASN D 31 20.37 23.71 -33.85
N LYS D 32 20.50 24.96 -33.39
CA LYS D 32 21.83 25.56 -33.28
C LYS D 32 22.79 24.61 -32.54
N ALA D 33 22.39 24.16 -31.35
CA ALA D 33 23.24 23.36 -30.52
C ALA D 33 23.49 22.03 -31.18
N ALA D 34 22.45 21.44 -31.77
CA ALA D 34 22.65 20.23 -32.52
C ALA D 34 23.77 20.42 -33.54
N VAL D 35 23.68 21.52 -34.31
CA VAL D 35 24.69 21.79 -35.32
C VAL D 35 26.08 21.91 -34.69
N MET D 36 26.17 22.61 -33.58
CA MET D 36 27.46 22.75 -32.96
C MET D 36 27.98 21.42 -32.43
N VAL D 37 27.11 20.67 -31.77
CA VAL D 37 27.50 19.41 -31.17
C VAL D 37 28.00 18.47 -32.28
N HIS D 38 27.28 18.40 -33.37
CA HIS D 38 27.75 17.61 -34.45
C HIS D 38 29.08 18.10 -34.95
N GLN D 39 29.31 19.42 -34.94
CA GLN D 39 30.58 19.92 -35.47
C GLN D 39 31.69 19.38 -34.58
N LEU D 40 31.54 19.50 -33.27
CA LEU D 40 32.54 19.08 -32.33
C LEU D 40 32.81 17.56 -32.48
N SER D 41 31.74 16.82 -32.64
CA SER D 41 31.82 15.41 -32.80
C SER D 41 32.66 15.01 -33.99
N LYS D 42 32.95 15.93 -34.92
CA LYS D 42 33.89 15.57 -36.03
C LYS D 42 35.41 15.61 -35.62
N LYS D 43 35.73 16.15 -34.45
CA LYS D 43 37.15 16.30 -34.06
C LYS D 43 37.40 15.44 -32.82
N GLU D 44 38.33 14.51 -32.93
CA GLU D 44 38.63 13.56 -31.84
C GLU D 44 38.69 14.17 -30.45
N ALA D 45 39.50 15.20 -30.28
CA ALA D 45 39.60 15.81 -28.98
C ALA D 45 38.20 16.04 -28.39
N SER D 46 37.36 16.78 -29.12
CA SER D 46 36.07 17.18 -28.57
C SER D 46 35.09 15.99 -28.54
N ARG D 47 35.18 15.13 -29.54
CA ARG D 47 34.41 13.88 -29.54
C ARG D 47 34.51 13.14 -28.19
N HIS D 48 35.72 12.97 -27.68
CA HIS D 48 35.91 12.23 -26.46
C HIS D 48 35.27 12.98 -25.31
N ALA D 49 35.29 14.30 -25.35
CA ALA D 49 34.57 15.06 -24.30
C ALA D 49 33.04 14.85 -24.32
N ILE D 50 32.47 14.62 -25.48
CA ILE D 50 31.02 14.41 -25.59
C ILE D 50 30.73 13.02 -25.02
N MET D 51 31.48 12.02 -25.50
CA MET D 51 31.42 10.66 -24.98
C MET D 51 31.41 10.60 -23.49
N ARG D 52 32.21 11.45 -22.86
CA ARG D 52 32.33 11.38 -21.42
C ARG D 52 31.20 12.08 -20.70
N SER D 53 30.19 12.59 -21.40
CA SER D 53 29.14 13.27 -20.69
C SER D 53 27.80 12.60 -20.92
N PRO D 54 27.29 11.93 -19.87
CA PRO D 54 26.00 11.30 -19.97
C PRO D 54 24.90 12.28 -20.24
N GLN D 55 25.01 13.50 -19.70
CA GLN D 55 23.89 14.44 -19.83
C GLN D 55 23.86 14.82 -21.28
N MET D 56 25.06 15.00 -21.85
CA MET D 56 25.17 15.30 -23.25
C MET D 56 24.56 14.22 -24.18
N VAL D 57 25.01 12.97 -24.04
CA VAL D 57 24.56 11.88 -24.90
C VAL D 57 23.06 11.70 -24.80
N SER D 58 22.50 11.76 -23.58
CA SER D 58 21.02 11.65 -23.44
C SER D 58 20.28 12.72 -24.22
N ALA D 59 20.80 13.96 -24.16
CA ALA D 59 20.13 15.08 -24.77
C ALA D 59 20.21 14.87 -26.24
N ILE D 60 21.39 14.45 -26.73
CA ILE D 60 21.46 14.11 -28.12
C ILE D 60 20.42 13.08 -28.53
N VAL D 61 20.22 12.08 -27.68
CA VAL D 61 19.43 10.93 -28.05
C VAL D 61 17.98 11.37 -27.99
N ARG D 62 17.64 11.98 -26.86
CA ARG D 62 16.29 12.50 -26.66
C ARG D 62 15.89 13.39 -27.84
N THR D 63 16.77 14.33 -28.19
CA THR D 63 16.51 15.25 -29.30
C THR D 63 16.37 14.50 -30.57
N MET D 64 17.24 13.50 -30.77
CA MET D 64 17.18 12.80 -32.06
C MET D 64 15.82 12.15 -32.30
N GLN D 65 15.24 11.71 -31.20
CA GLN D 65 14.08 10.86 -31.17
C GLN D 65 12.81 11.69 -31.44
N ASN D 66 12.73 12.89 -30.87
CA ASN D 66 11.52 13.66 -31.06
C ASN D 66 11.60 15.04 -31.71
N THR D 67 12.68 15.34 -32.42
CA THR D 67 12.80 16.54 -33.22
C THR D 67 11.91 16.32 -34.42
N ASN D 68 11.27 17.37 -34.92
CA ASN D 68 10.60 17.31 -36.24
C ASN D 68 11.38 17.99 -37.35
N ASP D 69 12.64 18.31 -37.06
CA ASP D 69 13.52 19.03 -37.94
C ASP D 69 14.60 18.16 -38.62
N VAL D 70 14.52 18.07 -39.94
CA VAL D 70 15.44 17.22 -40.68
C VAL D 70 16.91 17.45 -40.38
N GLU D 71 17.30 18.70 -40.18
CA GLU D 71 18.68 19.01 -39.97
C GLU D 71 19.08 18.58 -38.55
N THR D 72 18.23 18.92 -37.58
CA THR D 72 18.49 18.54 -36.21
C THR D 72 18.68 17.01 -36.10
N ALA D 73 17.85 16.26 -36.85
CA ALA D 73 17.86 14.81 -36.86
C ALA D 73 19.12 14.31 -37.51
N ARG D 74 19.40 14.85 -38.70
CA ARG D 74 20.64 14.56 -39.46
C ARG D 74 21.84 14.80 -38.55
N CYS D 75 21.83 15.85 -37.75
CA CYS D 75 22.96 16.16 -36.88
C CYS D 75 23.11 15.34 -35.62
N THR D 76 21.98 15.03 -34.96
CA THR D 76 22.05 14.28 -33.70
C THR D 76 22.36 12.82 -34.03
N ALA D 77 21.69 12.28 -35.04
CA ALA D 77 22.15 10.96 -35.56
C ALA D 77 23.59 10.92 -36.02
N GLY D 78 24.03 11.96 -36.74
CA GLY D 78 25.42 11.98 -37.20
C GLY D 78 26.40 11.93 -36.02
N THR D 79 26.05 12.62 -34.94
CA THR D 79 26.91 12.69 -33.77
C THR D 79 27.02 11.31 -33.10
N LEU D 80 25.91 10.56 -33.06
CA LEU D 80 25.92 9.25 -32.42
C LEU D 80 26.84 8.37 -33.26
N HIS D 81 26.62 8.43 -34.56
CA HIS D 81 27.47 7.73 -35.50
C HIS D 81 28.96 7.96 -35.28
N ASN D 82 29.37 9.18 -35.01
CA ASN D 82 30.78 9.40 -34.81
C ASN D 82 31.19 8.89 -33.47
N LEU D 83 30.30 9.04 -32.50
CA LEU D 83 30.58 8.52 -31.19
C LEU D 83 30.70 6.99 -31.28
N SER D 84 30.09 6.37 -32.29
CA SER D 84 30.03 4.94 -32.31
C SER D 84 31.31 4.31 -32.86
N HIS D 85 32.32 5.08 -33.15
CA HIS D 85 33.51 4.44 -33.68
C HIS D 85 34.46 4.12 -32.57
N HIS D 86 34.04 4.31 -31.32
CA HIS D 86 34.93 4.23 -30.15
C HIS D 86 34.24 3.44 -29.04
N ARG D 87 34.93 2.44 -28.50
CA ARG D 87 34.39 1.61 -27.43
C ARG D 87 33.64 2.46 -26.36
N GLU D 88 34.19 3.60 -26.01
CA GLU D 88 33.55 4.44 -25.03
C GLU D 88 32.26 5.08 -25.57
N GLY D 89 32.21 5.32 -26.89
CA GLY D 89 31.07 6.01 -27.48
C GLY D 89 29.92 5.05 -27.45
N LEU D 90 30.16 3.86 -27.99
CA LEU D 90 29.22 2.72 -27.98
C LEU D 90 28.62 2.47 -26.59
N LEU D 91 29.47 2.48 -25.58
CA LEU D 91 28.97 2.30 -24.25
C LEU D 91 28.06 3.46 -23.88
N ALA D 92 28.44 4.68 -24.27
CA ALA D 92 27.66 5.84 -23.88
C ALA D 92 26.30 5.82 -24.55
N ILE D 93 26.26 5.44 -25.81
CA ILE D 93 25.03 5.42 -26.57
C ILE D 93 24.08 4.46 -25.86
N PHE D 94 24.61 3.31 -25.52
CA PHE D 94 23.88 2.26 -24.89
C PHE D 94 23.33 2.72 -23.55
N LYS D 95 24.20 3.33 -22.74
CA LYS D 95 23.82 3.83 -21.43
C LYS D 95 22.76 4.91 -21.49
N SER D 96 22.58 5.54 -22.65
CA SER D 96 21.66 6.70 -22.71
C SER D 96 20.33 6.41 -23.41
N GLY D 97 20.01 5.14 -23.65
CA GLY D 97 18.73 4.90 -24.29
C GLY D 97 18.86 5.02 -25.77
N GLY D 98 20.09 5.00 -26.23
CA GLY D 98 20.40 5.10 -27.64
C GLY D 98 19.74 4.14 -28.56
N ILE D 99 19.67 2.86 -28.17
CA ILE D 99 19.25 1.81 -29.08
C ILE D 99 17.80 2.01 -29.50
N PRO D 100 16.88 2.07 -28.54
CA PRO D 100 15.46 2.28 -28.93
C PRO D 100 15.29 3.56 -29.76
N ALA D 101 16.01 4.61 -29.42
CA ALA D 101 15.95 5.83 -30.21
C ALA D 101 16.41 5.50 -31.65
N LEU D 102 17.60 4.91 -31.82
CA LEU D 102 18.02 4.49 -33.16
C LEU D 102 17.04 3.56 -33.89
N VAL D 103 16.34 2.71 -33.16
CA VAL D 103 15.45 1.80 -33.85
C VAL D 103 14.30 2.60 -34.44
N LYS D 104 13.73 3.50 -33.66
CA LYS D 104 12.71 4.39 -34.20
C LYS D 104 13.25 5.10 -35.44
N MET D 105 14.50 5.57 -35.40
CA MET D 105 15.07 6.29 -36.53
C MET D 105 15.13 5.47 -37.81
N LEU D 106 15.07 4.13 -37.73
CA LEU D 106 15.07 3.34 -38.96
C LEU D 106 13.86 3.63 -39.82
N GLY D 107 12.82 4.20 -39.21
CA GLY D 107 11.61 4.51 -39.98
C GLY D 107 11.66 5.87 -40.68
N SER D 108 12.82 6.53 -40.68
CA SER D 108 12.88 7.88 -41.24
C SER D 108 13.02 7.86 -42.75
N PRO D 109 12.31 8.81 -43.44
CA PRO D 109 12.32 8.99 -44.91
C PRO D 109 13.62 9.63 -45.38
N VAL D 110 14.39 10.21 -44.46
CA VAL D 110 15.62 10.88 -44.85
C VAL D 110 16.80 9.92 -44.91
N ASP D 111 17.28 9.64 -46.10
CA ASP D 111 18.41 8.72 -46.29
C ASP D 111 19.64 8.85 -45.36
N SER D 112 20.00 10.07 -44.98
CA SER D 112 21.23 10.23 -44.20
C SER D 112 20.98 9.81 -42.77
N VAL D 113 19.78 10.14 -42.30
CA VAL D 113 19.32 9.70 -41.00
C VAL D 113 19.38 8.18 -40.94
N LEU D 114 18.69 7.56 -41.88
CA LEU D 114 18.69 6.13 -41.96
C LEU D 114 20.13 5.54 -41.97
N PHE D 115 21.01 6.11 -42.76
CA PHE D 115 22.39 5.67 -42.81
C PHE D 115 23.07 5.74 -41.46
N TYR D 116 22.81 6.81 -40.73
CA TYR D 116 23.45 6.96 -39.45
C TYR D 116 22.84 5.97 -38.44
N ALA D 117 21.56 5.72 -38.58
CA ALA D 117 20.84 4.83 -37.71
C ALA D 117 21.35 3.43 -37.88
N ILE D 118 21.31 2.95 -39.12
CA ILE D 118 21.64 1.55 -39.34
C ILE D 118 23.08 1.25 -39.08
N THR D 119 23.97 2.19 -39.42
CA THR D 119 25.40 1.96 -39.22
C THR D 119 25.74 2.07 -37.75
N THR D 120 25.11 2.99 -37.04
CA THR D 120 25.36 3.09 -35.58
C THR D 120 24.82 1.80 -34.89
N LEU D 121 23.59 1.39 -35.23
CA LEU D 121 23.07 0.13 -34.70
C LEU D 121 24.06 -1.01 -35.05
N HIS D 122 24.56 -0.97 -36.30
CA HIS D 122 25.45 -2.01 -36.72
C HIS D 122 26.68 -2.03 -35.87
N ASN D 123 27.24 -0.88 -35.56
CA ASN D 123 28.47 -0.93 -34.80
C ASN D 123 28.19 -1.43 -33.43
N LEU D 124 26.98 -1.10 -32.93
CA LEU D 124 26.68 -1.48 -31.58
C LEU D 124 26.51 -3.04 -31.54
N LEU D 125 25.76 -3.57 -32.52
CA LEU D 125 25.58 -5.00 -32.63
C LEU D 125 26.90 -5.69 -32.70
N LEU D 126 27.88 -5.03 -33.31
CA LEU D 126 29.18 -5.69 -33.50
C LEU D 126 29.98 -5.68 -32.26
N HIS D 127 29.89 -4.62 -31.47
CA HIS D 127 30.89 -4.46 -30.42
C HIS D 127 30.39 -4.25 -29.01
N GLN D 128 29.08 -4.10 -28.85
CA GLN D 128 28.59 -3.66 -27.55
C GLN D 128 27.66 -4.68 -26.95
N GLU D 129 28.12 -5.22 -25.83
CA GLU D 129 27.36 -6.15 -25.02
C GLU D 129 26.02 -5.54 -24.62
N GLY D 130 24.95 -6.28 -24.81
CA GLY D 130 23.62 -5.84 -24.47
C GLY D 130 22.88 -5.40 -25.71
N ALA D 131 23.63 -5.15 -26.79
CA ALA D 131 23.09 -4.51 -27.98
C ALA D 131 22.05 -5.36 -28.61
N LYS D 132 22.35 -6.67 -28.72
CA LYS D 132 21.46 -7.54 -29.46
C LYS D 132 20.13 -7.65 -28.76
N MET D 133 20.14 -7.85 -27.44
CA MET D 133 18.89 -7.85 -26.69
C MET D 133 18.19 -6.53 -26.78
N ALA D 134 18.94 -5.44 -26.66
CA ALA D 134 18.32 -4.13 -26.59
C ALA D 134 17.65 -3.86 -27.93
N VAL D 135 18.33 -4.26 -28.99
CA VAL D 135 17.70 -4.09 -30.30
C VAL D 135 16.51 -5.01 -30.40
N ARG D 136 16.66 -6.27 -29.95
CA ARG D 136 15.53 -7.15 -30.05
C ARG D 136 14.36 -6.61 -29.21
N LEU D 137 14.63 -6.15 -27.98
CA LEU D 137 13.50 -5.68 -27.19
C LEU D 137 12.88 -4.40 -27.76
N ALA D 138 13.63 -3.61 -28.52
CA ALA D 138 13.07 -2.33 -28.95
C ALA D 138 12.32 -2.44 -30.26
N GLY D 139 12.07 -3.65 -30.75
CA GLY D 139 11.39 -3.78 -32.06
C GLY D 139 12.34 -3.81 -33.26
N GLY D 140 13.63 -3.98 -32.98
CA GLY D 140 14.67 -3.98 -34.03
C GLY D 140 14.43 -4.79 -35.29
N LEU D 141 14.10 -6.08 -35.13
CA LEU D 141 13.85 -6.99 -36.25
C LEU D 141 12.81 -6.51 -37.22
N GLN D 142 11.67 -6.13 -36.69
CA GLN D 142 10.62 -5.82 -37.57
C GLN D 142 11.09 -4.63 -38.39
N LYS D 143 11.74 -3.68 -37.73
CA LYS D 143 12.15 -2.48 -38.43
C LYS D 143 13.16 -2.90 -39.50
N MET D 144 14.11 -3.74 -39.10
CA MET D 144 15.13 -4.12 -40.06
C MET D 144 14.56 -4.90 -41.24
N VAL D 145 13.63 -5.81 -40.98
CA VAL D 145 12.98 -6.56 -42.04
C VAL D 145 12.16 -5.59 -42.90
N ALA D 146 11.51 -4.64 -42.27
CA ALA D 146 10.77 -3.71 -43.11
C ALA D 146 11.76 -3.07 -44.07
N LEU D 147 12.96 -2.75 -43.58
CA LEU D 147 13.89 -1.98 -44.35
C LEU D 147 14.32 -2.67 -45.62
N LEU D 148 14.07 -3.97 -45.68
CA LEU D 148 14.50 -4.75 -46.81
C LEU D 148 13.59 -4.54 -48.03
N ASN D 149 12.29 -4.31 -47.82
CA ASN D 149 11.36 -4.21 -48.93
C ASN D 149 11.36 -2.77 -49.39
N LYS D 150 12.53 -2.32 -49.82
CA LYS D 150 12.74 -0.92 -50.18
C LYS D 150 13.71 -0.93 -51.35
N THR D 151 13.21 -0.49 -52.50
CA THR D 151 13.90 -0.67 -53.78
C THR D 151 15.38 -0.23 -53.78
N ASN D 152 15.72 0.80 -53.01
CA ASN D 152 17.15 1.15 -52.91
C ASN D 152 18.06 0.36 -51.94
N VAL D 153 19.06 -0.24 -52.61
CA VAL D 153 19.86 -1.38 -52.18
C VAL D 153 21.15 -1.09 -51.36
N LYS D 154 21.50 0.17 -51.22
CA LYS D 154 22.76 0.52 -50.60
C LYS D 154 22.77 0.13 -49.10
N PHE D 155 21.59 0.06 -48.49
CA PHE D 155 21.54 -0.34 -47.09
C PHE D 155 21.26 -1.80 -46.91
N LEU D 156 21.05 -2.49 -48.04
CA LEU D 156 20.60 -3.83 -48.01
C LEU D 156 21.58 -4.80 -47.33
N ALA D 157 22.86 -4.65 -47.61
CA ALA D 157 23.82 -5.52 -47.04
C ALA D 157 23.98 -5.20 -45.61
N ILE D 158 24.16 -3.93 -45.26
CA ILE D 158 24.44 -3.68 -43.83
C ILE D 158 23.22 -4.09 -42.96
N THR D 159 22.03 -3.80 -43.48
CA THR D 159 20.82 -4.31 -42.84
C THR D 159 20.84 -5.84 -42.66
N THR D 160 21.05 -6.57 -43.75
CA THR D 160 21.22 -8.01 -43.69
C THR D 160 22.21 -8.40 -42.58
N ASP D 161 23.32 -7.73 -42.46
CA ASP D 161 24.30 -8.20 -41.53
C ASP D 161 23.84 -8.00 -40.08
N CYS D 162 23.04 -6.96 -39.84
CA CYS D 162 22.43 -6.71 -38.53
C CYS D 162 21.52 -7.92 -38.24
N LEU D 163 20.61 -8.18 -39.16
CA LEU D 163 19.74 -9.31 -38.95
C LEU D 163 20.55 -10.57 -38.65
N GLN D 164 21.67 -10.77 -39.32
CA GLN D 164 22.37 -12.02 -39.13
C GLN D 164 22.90 -12.05 -37.71
N ILE D 165 23.47 -10.93 -37.27
CA ILE D 165 23.99 -10.83 -35.91
C ILE D 165 22.96 -11.09 -34.81
N LEU D 166 21.69 -10.77 -35.09
CA LEU D 166 20.61 -10.89 -34.14
C LEU D 166 20.17 -12.32 -34.10
N ALA D 167 19.93 -12.87 -35.27
CA ALA D 167 19.29 -14.19 -35.41
C ALA D 167 20.28 -15.31 -35.16
N ASP E 7 11.07 -17.59 -28.66
CA ASP E 7 11.90 -18.83 -28.54
C ASP E 7 12.74 -18.77 -27.29
N ALA E 8 12.97 -19.93 -26.68
CA ALA E 8 13.76 -20.01 -25.45
C ALA E 8 15.22 -20.37 -25.69
N GLU E 9 15.58 -20.69 -26.95
CA GLU E 9 16.99 -20.83 -27.30
C GLU E 9 17.57 -19.42 -27.43
N LEU E 10 16.74 -18.50 -27.90
CA LEU E 10 17.14 -17.11 -28.04
C LEU E 10 17.47 -16.51 -26.69
N ALA E 11 16.58 -16.73 -25.72
CA ALA E 11 16.78 -16.23 -24.36
C ALA E 11 17.98 -16.87 -23.71
N THR E 12 18.14 -18.18 -23.88
CA THR E 12 19.23 -18.86 -23.22
C THR E 12 20.53 -18.35 -23.79
N ARG E 13 20.59 -18.14 -25.10
CA ARG E 13 21.84 -17.62 -25.66
C ARG E 13 22.20 -16.21 -25.13
N ALA E 14 21.17 -15.38 -24.87
CA ALA E 14 21.34 -14.06 -24.27
C ALA E 14 21.61 -13.98 -22.75
N ILE E 15 21.13 -14.99 -21.99
CA ILE E 15 21.31 -14.98 -20.49
C ILE E 15 22.73 -14.65 -19.95
N PRO E 16 23.76 -15.39 -20.37
CA PRO E 16 25.12 -15.10 -19.85
C PRO E 16 25.59 -13.67 -20.14
N GLU E 17 25.28 -13.16 -21.33
CA GLU E 17 25.61 -11.74 -21.64
C GLU E 17 24.87 -10.78 -20.68
N LEU E 18 23.55 -10.90 -20.59
CA LEU E 18 22.79 -10.14 -19.61
C LEU E 18 23.26 -10.33 -18.17
N THR E 19 23.60 -11.57 -17.79
CA THR E 19 24.06 -11.82 -16.42
C THR E 19 25.29 -11.02 -16.17
N LYS E 20 26.14 -10.92 -17.17
CA LYS E 20 27.38 -10.15 -17.04
C LYS E 20 27.10 -8.67 -16.82
N LEU E 21 26.13 -8.14 -17.57
CA LEU E 21 25.73 -6.75 -17.40
C LEU E 21 25.16 -6.43 -16.02
N LEU E 22 24.38 -7.33 -15.44
CA LEU E 22 23.89 -7.13 -14.07
C LEU E 22 25.01 -7.07 -13.09
N ASN E 23 26.15 -7.69 -13.42
CA ASN E 23 27.22 -7.65 -12.43
C ASN E 23 28.16 -6.50 -12.60
N ASP E 24 27.89 -5.66 -13.58
CA ASP E 24 28.82 -4.63 -13.96
C ASP E 24 29.07 -3.57 -12.87
N GLU E 25 30.30 -3.13 -12.69
CA GLU E 25 30.61 -2.06 -11.70
C GLU E 25 29.68 -0.83 -11.89
N ASP E 26 29.39 -0.52 -13.15
CA ASP E 26 28.61 0.63 -13.58
C ASP E 26 27.09 0.46 -13.43
N GLN E 27 26.55 1.15 -12.47
CA GLN E 27 25.16 1.02 -12.19
C GLN E 27 24.18 1.40 -13.31
N VAL E 28 24.61 2.16 -14.28
CA VAL E 28 23.63 2.45 -15.32
C VAL E 28 23.64 1.38 -16.39
N VAL E 29 24.74 0.64 -16.49
CA VAL E 29 24.65 -0.58 -17.31
C VAL E 29 23.83 -1.68 -16.65
N VAL E 30 24.03 -1.84 -15.35
CA VAL E 30 23.14 -2.67 -14.52
C VAL E 30 21.69 -2.30 -14.72
N ASN E 31 21.41 -1.00 -14.73
CA ASN E 31 20.02 -0.58 -14.89
C ASN E 31 19.46 -1.04 -16.20
N LYS E 32 20.25 -0.91 -17.26
CA LYS E 32 19.75 -1.33 -18.57
C LYS E 32 19.54 -2.83 -18.62
N ALA E 33 20.42 -3.59 -17.96
CA ALA E 33 20.29 -5.03 -17.95
C ALA E 33 19.03 -5.38 -17.16
N ALA E 34 18.86 -4.78 -15.98
CA ALA E 34 17.69 -5.06 -15.18
C ALA E 34 16.36 -4.83 -15.93
N VAL E 35 16.28 -3.76 -16.67
CA VAL E 35 15.07 -3.44 -17.38
C VAL E 35 14.81 -4.50 -18.45
N MET E 36 15.86 -4.90 -19.13
CA MET E 36 15.73 -5.90 -20.19
C MET E 36 15.33 -7.27 -19.61
N VAL E 37 16.03 -7.66 -18.53
CA VAL E 37 15.69 -8.89 -17.86
C VAL E 37 14.25 -8.89 -17.35
N HIS E 38 13.80 -7.78 -16.77
CA HIS E 38 12.40 -7.67 -16.43
C HIS E 38 11.49 -7.84 -17.60
N GLN E 39 11.83 -7.29 -18.76
CA GLN E 39 10.89 -7.51 -19.87
C GLN E 39 10.89 -8.94 -20.31
N LEU E 40 12.05 -9.61 -20.24
CA LEU E 40 12.12 -11.00 -20.66
C LEU E 40 11.27 -11.82 -19.72
N SER E 41 11.29 -11.45 -18.44
CA SER E 41 10.49 -12.15 -17.49
C SER E 41 8.99 -12.13 -17.79
N LYS E 42 8.53 -11.38 -18.78
CA LYS E 42 7.08 -11.23 -19.01
C LYS E 42 6.51 -12.22 -19.98
N LYS E 43 7.40 -12.84 -20.73
CA LYS E 43 7.05 -13.77 -21.79
C LYS E 43 7.42 -15.12 -21.24
N GLU E 44 6.45 -16.02 -21.21
CA GLU E 44 6.63 -17.38 -20.66
C GLU E 44 7.87 -18.18 -21.11
N ALA E 45 8.23 -18.08 -22.39
CA ALA E 45 9.44 -18.72 -22.91
C ALA E 45 10.73 -18.20 -22.28
N SER E 46 10.96 -16.89 -22.36
CA SER E 46 12.20 -16.30 -21.81
C SER E 46 12.23 -16.38 -20.28
N ARG E 47 11.05 -16.36 -19.68
CA ARG E 47 10.96 -16.52 -18.25
C ARG E 47 11.58 -17.84 -17.79
N HIS E 48 11.32 -18.92 -18.53
CA HIS E 48 11.74 -20.22 -18.02
C HIS E 48 13.23 -20.21 -18.12
N ALA E 49 13.70 -19.52 -19.14
CA ALA E 49 15.09 -19.50 -19.40
C ALA E 49 15.80 -18.76 -18.27
N ILE E 50 15.13 -17.76 -17.68
CA ILE E 50 15.74 -17.09 -16.56
C ILE E 50 15.90 -18.03 -15.35
N MET E 51 14.82 -18.77 -15.05
CA MET E 51 14.76 -19.73 -13.95
C MET E 51 15.83 -20.77 -14.02
N ARG E 52 16.17 -21.26 -15.22
CA ARG E 52 17.19 -22.32 -15.32
C ARG E 52 18.58 -21.76 -15.20
N SER E 53 18.69 -20.44 -15.06
CA SER E 53 20.02 -19.89 -14.92
C SER E 53 20.41 -19.47 -13.50
N PRO E 54 21.14 -20.34 -12.78
CA PRO E 54 21.37 -19.93 -11.39
C PRO E 54 22.12 -18.65 -11.30
N GLN E 55 23.02 -18.40 -12.24
CA GLN E 55 23.95 -17.25 -12.09
C GLN E 55 23.18 -15.97 -12.35
N MET E 56 22.20 -16.08 -13.21
CA MET E 56 21.34 -15.01 -13.56
C MET E 56 20.48 -14.67 -12.37
N VAL E 57 19.82 -15.69 -11.80
CA VAL E 57 18.91 -15.45 -10.69
C VAL E 57 19.68 -14.90 -9.52
N SER E 58 20.93 -15.24 -9.35
CA SER E 58 21.69 -14.65 -8.21
C SER E 58 22.05 -13.24 -8.48
N ALA E 59 22.30 -12.93 -9.75
CA ALA E 59 22.62 -11.55 -10.09
C ALA E 59 21.40 -10.66 -9.78
N ILE E 60 20.22 -11.08 -10.26
CA ILE E 60 19.02 -10.36 -9.93
C ILE E 60 18.91 -10.15 -8.44
N VAL E 61 19.05 -11.24 -7.65
CA VAL E 61 18.85 -11.18 -6.21
C VAL E 61 19.82 -10.20 -5.64
N ARG E 62 21.06 -10.34 -6.05
CA ARG E 62 22.14 -9.54 -5.49
C ARG E 62 21.89 -8.07 -5.85
N THR E 63 21.51 -7.84 -7.10
CA THR E 63 21.30 -6.49 -7.57
C THR E 63 20.09 -5.87 -6.90
N MET E 64 19.00 -6.63 -6.75
CA MET E 64 17.83 -6.10 -6.04
C MET E 64 18.20 -5.57 -4.67
N GLN E 65 19.05 -6.31 -4.00
CA GLN E 65 19.44 -6.03 -2.63
C GLN E 65 20.44 -4.88 -2.54
N ASN E 66 21.25 -4.67 -3.56
CA ASN E 66 22.36 -3.73 -3.45
C ASN E 66 22.05 -2.39 -4.08
N THR E 67 21.09 -2.38 -4.98
CA THR E 67 20.88 -1.23 -5.79
C THR E 67 20.40 -0.07 -4.97
N ASN E 68 20.81 1.13 -5.41
CA ASN E 68 20.22 2.39 -4.93
C ASN E 68 19.30 2.97 -5.95
N ASP E 69 19.10 2.25 -7.04
CA ASP E 69 18.31 2.77 -8.11
C ASP E 69 16.89 2.22 -8.08
N VAL E 70 15.93 3.12 -7.95
CA VAL E 70 14.57 2.71 -7.76
C VAL E 70 14.02 1.83 -8.88
N GLU E 71 14.31 2.18 -10.11
CA GLU E 71 13.82 1.44 -11.24
C GLU E 71 14.49 0.05 -11.33
N THR E 72 15.78 0.01 -10.98
CA THR E 72 16.48 -1.26 -10.93
C THR E 72 15.82 -2.17 -9.90
N ALA E 73 15.52 -1.60 -8.74
CA ALA E 73 14.86 -2.33 -7.65
C ALA E 73 13.49 -2.88 -8.06
N ARG E 74 12.71 -2.04 -8.68
CA ARG E 74 11.37 -2.37 -9.17
C ARG E 74 11.51 -3.51 -10.19
N CYS E 75 12.55 -3.46 -11.01
CA CYS E 75 12.67 -4.39 -12.14
C CYS E 75 13.13 -5.76 -11.70
N THR E 76 14.17 -5.78 -10.86
CA THR E 76 14.63 -7.00 -10.30
C THR E 76 13.57 -7.61 -9.36
N ALA E 77 13.09 -6.84 -8.38
CA ALA E 77 11.99 -7.39 -7.62
C ALA E 77 10.88 -7.87 -8.53
N GLY E 78 10.55 -7.13 -9.58
CA GLY E 78 9.42 -7.50 -10.47
C GLY E 78 9.66 -8.86 -11.14
N THR E 79 10.93 -9.10 -11.41
CA THR E 79 11.38 -10.28 -12.09
C THR E 79 11.23 -11.48 -11.19
N LEU E 80 11.82 -11.40 -10.02
CA LEU E 80 11.57 -12.39 -9.00
C LEU E 80 10.07 -12.64 -8.85
N HIS E 81 9.27 -11.59 -8.75
CA HIS E 81 7.85 -11.82 -8.55
C HIS E 81 7.29 -12.65 -9.68
N ASN E 82 7.81 -12.45 -10.89
CA ASN E 82 7.30 -13.17 -12.06
C ASN E 82 7.74 -14.61 -12.03
N LEU E 83 8.95 -14.84 -11.55
CA LEU E 83 9.39 -16.18 -11.41
C LEU E 83 8.53 -16.89 -10.39
N SER E 84 7.89 -16.17 -9.47
CA SER E 84 7.25 -16.87 -8.35
C SER E 84 5.89 -17.51 -8.70
N HIS E 85 5.38 -17.36 -9.93
CA HIS E 85 4.12 -18.01 -10.28
C HIS E 85 4.34 -19.42 -10.71
N HIS E 86 5.58 -19.94 -10.58
CA HIS E 86 5.99 -21.26 -11.06
C HIS E 86 6.85 -22.00 -10.01
N ARG E 87 6.62 -23.31 -9.88
CA ARG E 87 7.35 -24.17 -8.96
C ARG E 87 8.84 -24.05 -9.16
N GLU E 88 9.23 -23.86 -10.39
CA GLU E 88 10.64 -23.85 -10.71
C GLU E 88 11.19 -22.46 -10.41
N GLY E 89 10.37 -21.41 -10.65
CA GLY E 89 10.67 -20.07 -10.10
C GLY E 89 10.90 -20.06 -8.58
N LEU E 90 9.92 -20.59 -7.83
CA LEU E 90 10.00 -20.60 -6.42
C LEU E 90 11.31 -21.28 -5.97
N LEU E 91 11.66 -22.37 -6.62
CA LEU E 91 12.84 -23.09 -6.22
C LEU E 91 14.10 -22.29 -6.56
N ALA E 92 14.12 -21.66 -7.72
CA ALA E 92 15.30 -20.87 -8.11
C ALA E 92 15.55 -19.68 -7.14
N ILE E 93 14.46 -18.97 -6.79
CA ILE E 93 14.53 -17.83 -5.86
C ILE E 93 15.13 -18.34 -4.56
N PHE E 94 14.53 -19.42 -4.06
CA PHE E 94 15.02 -20.14 -2.91
C PHE E 94 16.48 -20.59 -3.01
N LYS E 95 16.86 -21.30 -4.10
CA LYS E 95 18.25 -21.67 -4.29
C LYS E 95 19.16 -20.44 -4.29
N SER E 96 18.70 -19.34 -4.87
CA SER E 96 19.58 -18.21 -5.11
C SER E 96 19.81 -17.25 -3.99
N GLY E 97 19.25 -17.49 -2.80
CA GLY E 97 19.50 -16.56 -1.71
C GLY E 97 18.45 -15.48 -1.64
N GLY E 98 17.41 -15.60 -2.48
CA GLY E 98 16.36 -14.65 -2.54
C GLY E 98 15.56 -14.33 -1.32
N ILE E 99 15.37 -15.34 -0.46
CA ILE E 99 14.47 -15.13 0.67
C ILE E 99 14.96 -14.02 1.55
N PRO E 100 16.18 -14.08 2.04
CA PRO E 100 16.54 -12.95 2.93
C PRO E 100 16.68 -11.63 2.18
N ALA E 101 16.97 -11.71 0.90
CA ALA E 101 16.95 -10.51 0.07
C ALA E 101 15.55 -9.90 0.02
N LEU E 102 14.50 -10.72 -0.18
CA LEU E 102 13.18 -10.17 -0.34
C LEU E 102 12.77 -9.63 1.02
N VAL E 103 13.34 -10.22 2.10
CA VAL E 103 13.02 -9.72 3.42
C VAL E 103 13.53 -8.31 3.61
N LYS E 104 14.79 -8.10 3.24
CA LYS E 104 15.43 -6.81 3.36
C LYS E 104 14.60 -5.78 2.62
N MET E 105 14.06 -6.17 1.47
CA MET E 105 13.28 -5.24 0.63
C MET E 105 11.98 -4.81 1.24
N LEU E 106 11.50 -5.55 2.24
CA LEU E 106 10.26 -5.19 2.90
C LEU E 106 10.43 -3.82 3.58
N GLY E 107 11.66 -3.37 3.79
CA GLY E 107 11.91 -2.00 4.25
C GLY E 107 11.81 -0.90 3.21
N SER E 108 11.45 -1.22 1.98
CA SER E 108 11.53 -0.21 0.94
C SER E 108 10.38 0.77 1.02
N PRO E 109 10.66 2.06 0.75
CA PRO E 109 9.63 3.10 0.75
C PRO E 109 8.86 3.14 -0.57
N VAL E 110 9.26 2.34 -1.52
CA VAL E 110 8.63 2.39 -2.82
C VAL E 110 7.55 1.36 -2.90
N ASP E 111 6.35 1.81 -3.10
CA ASP E 111 5.23 0.93 -3.17
C ASP E 111 5.44 -0.27 -4.05
N SER E 112 5.76 -0.04 -5.31
CA SER E 112 5.74 -1.15 -6.22
C SER E 112 6.81 -2.18 -5.81
N VAL E 113 7.92 -1.73 -5.26
CA VAL E 113 8.96 -2.65 -4.80
C VAL E 113 8.42 -3.48 -3.67
N LEU E 114 7.66 -2.84 -2.81
CA LEU E 114 7.16 -3.49 -1.62
C LEU E 114 6.13 -4.56 -2.02
N PHE E 115 5.29 -4.23 -2.97
CA PHE E 115 4.32 -5.16 -3.54
C PHE E 115 5.04 -6.38 -4.12
N TYR E 116 6.06 -6.19 -4.90
CA TYR E 116 6.68 -7.34 -5.47
C TYR E 116 7.32 -8.19 -4.34
N ALA E 117 8.05 -7.53 -3.42
CA ALA E 117 8.70 -8.23 -2.34
C ALA E 117 7.73 -9.10 -1.45
N ILE E 118 6.64 -8.50 -0.94
CA ILE E 118 5.73 -9.19 -0.06
C ILE E 118 4.87 -10.25 -0.79
N THR E 119 4.42 -9.99 -2.02
CA THR E 119 3.75 -11.07 -2.80
C THR E 119 4.64 -12.30 -3.09
N THR E 120 5.90 -12.04 -3.40
CA THR E 120 6.80 -13.13 -3.71
C THR E 120 7.11 -13.94 -2.42
N LEU E 121 7.36 -13.25 -1.30
CA LEU E 121 7.46 -13.91 -0.01
C LEU E 121 6.22 -14.74 0.26
N HIS E 122 5.07 -14.18 -0.05
CA HIS E 122 3.86 -14.85 0.27
C HIS E 122 3.74 -16.07 -0.60
N ASN E 123 4.08 -15.95 -1.88
CA ASN E 123 4.02 -17.13 -2.76
C ASN E 123 5.04 -18.18 -2.25
N LEU E 124 6.24 -17.73 -1.86
CA LEU E 124 7.18 -18.65 -1.25
C LEU E 124 6.56 -19.35 -0.04
N LEU E 125 5.87 -18.59 0.79
CA LEU E 125 5.33 -19.13 1.97
C LEU E 125 4.27 -20.17 1.62
N LEU E 126 3.41 -19.89 0.66
CA LEU E 126 2.39 -20.85 0.30
C LEU E 126 2.97 -22.09 -0.34
N HIS E 127 3.96 -21.97 -1.21
CA HIS E 127 4.26 -23.09 -2.09
C HIS E 127 5.64 -23.73 -2.06
N GLN E 128 6.56 -23.24 -1.27
CA GLN E 128 7.91 -23.71 -1.43
C GLN E 128 8.39 -24.35 -0.19
N GLU E 129 8.71 -25.63 -0.29
CA GLU E 129 9.28 -26.37 0.83
C GLU E 129 10.47 -25.60 1.40
N GLY E 130 10.47 -25.43 2.70
CA GLY E 130 11.58 -24.78 3.42
C GLY E 130 11.45 -23.29 3.59
N ALA E 131 10.50 -22.66 2.87
CA ALA E 131 10.41 -21.19 2.81
C ALA E 131 10.05 -20.54 4.16
N LYS E 132 9.18 -21.18 4.94
CA LYS E 132 8.85 -20.66 6.24
C LYS E 132 10.04 -20.53 7.18
N MET E 133 10.80 -21.60 7.35
CA MET E 133 12.02 -21.48 8.16
C MET E 133 13.00 -20.48 7.57
N ALA E 134 13.07 -20.40 6.24
CA ALA E 134 13.98 -19.46 5.60
C ALA E 134 13.51 -18.08 5.98
N VAL E 135 12.22 -17.83 5.81
CA VAL E 135 11.73 -16.51 6.14
C VAL E 135 11.93 -16.22 7.61
N ARG E 136 11.68 -17.21 8.48
CA ARG E 136 11.77 -16.99 9.91
C ARG E 136 13.19 -16.66 10.31
N LEU E 137 14.12 -17.40 9.74
CA LEU E 137 15.49 -17.29 10.14
C LEU E 137 16.12 -16.02 9.54
N ALA E 138 15.50 -15.43 8.53
CA ALA E 138 16.08 -14.22 7.97
C ALA E 138 15.51 -13.03 8.75
N GLY E 139 14.85 -13.30 9.89
CA GLY E 139 14.24 -12.23 10.69
C GLY E 139 12.94 -11.72 10.07
N GLY E 140 12.32 -12.51 9.21
CA GLY E 140 11.17 -12.08 8.47
C GLY E 140 9.97 -11.61 9.28
N LEU E 141 9.76 -12.23 10.42
CA LEU E 141 8.68 -11.95 11.29
C LEU E 141 8.85 -10.57 11.88
N GLN E 142 10.03 -10.22 12.38
CA GLN E 142 10.26 -8.82 12.83
C GLN E 142 10.02 -7.85 11.67
N LYS E 143 10.54 -8.16 10.48
CA LYS E 143 10.37 -7.26 9.33
C LYS E 143 8.93 -7.09 8.91
N MET E 144 8.16 -8.16 8.99
CA MET E 144 6.78 -8.07 8.59
C MET E 144 5.96 -7.24 9.61
N VAL E 145 6.11 -7.54 10.89
CA VAL E 145 5.50 -6.74 11.93
C VAL E 145 5.81 -5.27 11.66
N ALA E 146 7.08 -4.91 11.52
CA ALA E 146 7.46 -3.55 11.21
C ALA E 146 6.73 -3.07 9.98
N LEU E 147 6.63 -3.88 8.94
CA LEU E 147 5.91 -3.42 7.76
C LEU E 147 4.47 -3.20 8.11
N LEU E 148 3.92 -4.12 8.88
CA LEU E 148 2.49 -4.07 9.17
C LEU E 148 2.15 -2.77 9.89
N ASN E 149 3.04 -2.30 10.74
CA ASN E 149 2.78 -1.09 11.47
C ASN E 149 2.99 0.16 10.66
N LYS E 150 3.52 0.06 9.44
CA LYS E 150 3.86 1.27 8.69
C LYS E 150 3.24 1.39 7.33
N THR E 151 2.77 0.30 6.70
CA THR E 151 2.25 0.50 5.36
C THR E 151 0.83 0.91 5.34
N ASN E 152 0.39 1.15 4.11
CA ASN E 152 -0.94 1.64 3.86
C ASN E 152 -1.82 0.42 3.60
N VAL E 153 -3.12 0.61 3.35
CA VAL E 153 -4.06 -0.48 3.46
C VAL E 153 -3.77 -1.59 2.46
N LYS E 154 -3.14 -1.22 1.35
CA LYS E 154 -2.96 -2.17 0.23
C LYS E 154 -2.22 -3.44 0.72
N PHE E 155 -1.35 -3.28 1.73
CA PHE E 155 -0.50 -4.33 2.15
C PHE E 155 -0.82 -4.95 3.49
N LEU E 156 -1.90 -4.51 4.11
CA LEU E 156 -2.27 -4.99 5.41
C LEU E 156 -2.62 -6.44 5.35
N ALA E 157 -3.53 -6.79 4.44
CA ALA E 157 -4.02 -8.18 4.46
C ALA E 157 -2.94 -9.23 4.09
N ILE E 158 -2.15 -8.95 3.08
CA ILE E 158 -1.18 -9.91 2.68
C ILE E 158 -0.13 -10.05 3.76
N THR E 159 0.21 -8.94 4.42
CA THR E 159 1.26 -8.98 5.39
C THR E 159 0.76 -9.79 6.54
N THR E 160 -0.52 -9.62 6.84
CA THR E 160 -1.16 -10.29 7.95
C THR E 160 -1.09 -11.75 7.61
N ASP E 161 -1.46 -12.08 6.38
CA ASP E 161 -1.41 -13.47 6.01
C ASP E 161 -0.03 -14.11 6.18
N CYS E 162 0.99 -13.44 5.71
CA CYS E 162 2.36 -13.87 5.91
C CYS E 162 2.64 -14.14 7.37
N LEU E 163 2.23 -13.23 8.26
CA LEU E 163 2.52 -13.47 9.68
C LEU E 163 1.77 -14.71 10.17
N GLN E 164 0.55 -14.90 9.75
CA GLN E 164 -0.19 -16.01 10.27
C GLN E 164 0.37 -17.30 9.78
N ILE E 165 0.90 -17.30 8.57
CA ILE E 165 1.62 -18.46 8.12
C ILE E 165 2.83 -18.74 9.02
N LEU E 166 3.56 -17.69 9.42
CA LEU E 166 4.86 -17.88 10.06
C LEU E 166 4.76 -18.21 11.50
N ALA E 167 3.78 -17.65 12.20
CA ALA E 167 3.58 -17.99 13.60
C ALA E 167 2.58 -19.15 13.67
N TYR E 168 2.82 -20.26 12.91
CA TYR E 168 2.23 -21.68 13.08
C TYR E 168 0.79 -21.87 12.54
C1 GOL F . -21.05 -31.87 -14.07
O1 GOL F . -20.29 -32.00 -12.87
C2 GOL F . -21.92 -30.59 -14.15
O2 GOL F . -21.11 -29.43 -14.18
C3 GOL F . -22.80 -30.59 -15.41
O3 GOL F . -23.07 -29.26 -15.87
C1 GOL G . -27.49 -9.54 6.44
O1 GOL G . -28.65 -8.81 6.07
C2 GOL G . -27.78 -11.06 6.62
O2 GOL G . -28.76 -11.53 5.72
C3 GOL G . -26.58 -11.99 6.45
O3 GOL G . -27.10 -13.30 6.44
C1 GOL H . -23.45 -31.23 -4.30
O1 GOL H . -22.87 -31.77 -3.12
C2 GOL H . -24.93 -30.83 -4.16
O2 GOL H . -25.11 -29.49 -4.57
C3 GOL H . -25.82 -31.63 -5.11
O3 GOL H . -26.12 -32.89 -4.59
C1 GOL I . -21.15 8.59 -11.15
O1 GOL I . -19.86 9.06 -11.48
C2 GOL I . -21.76 7.84 -12.33
O2 GOL I . -20.84 6.91 -12.91
C3 GOL I . -23.14 7.23 -11.95
O3 GOL I . -23.35 5.81 -12.04
C1 GOL J . 6.85 13.43 -34.85
O1 GOL J . 7.17 13.91 -33.56
C2 GOL J . 7.99 12.56 -35.37
O2 GOL J . 9.25 13.11 -35.01
C3 GOL J . 7.83 11.13 -34.84
O3 GOL J . 8.31 11.05 -33.49
C1 GOL K . 18.95 29.72 -22.98
O1 GOL K . 20.08 30.54 -23.25
C2 GOL K . 17.71 30.56 -23.31
O2 GOL K . 18.18 31.76 -23.93
C3 GOL K . 16.78 29.80 -24.26
O3 GOL K . 15.41 30.15 -24.15
C1 GOL L . 6.17 3.73 3.03
O1 GOL L . 5.78 4.68 2.05
C2 GOL L . 5.54 2.38 2.65
O2 GOL L . 5.81 1.43 3.65
C3 GOL L . 4.04 2.54 2.40
O3 GOL L . 3.75 1.88 1.18
C1 GOL M . 17.77 -24.08 -11.67
O1 GOL M . 18.12 -22.93 -10.88
C2 GOL M . 16.23 -24.18 -11.88
O2 GOL M . 15.80 -25.17 -12.82
C3 GOL M . 15.41 -24.33 -10.58
O3 GOL M . 16.20 -24.96 -9.60
NA NA N . 0.94 -13.64 -7.25
NA NA O . 0.19 -13.75 -3.32
#